data_3CJH
#
_entry.id   3CJH
#
_cell.length_a   55.655
_cell.length_b   56.303
_cell.length_c   59.837
_cell.angle_alpha   89.18
_cell.angle_beta   89.65
_cell.angle_gamma   60.30
#
_symmetry.space_group_name_H-M   'P 1'
#
loop_
_entity.id
_entity.type
_entity.pdbx_description
1 polymer 'Mitochondrial import inner membrane translocase subunit TIM13'
2 polymer 'Mitochondrial import inner membrane translocase subunit TIM8'
3 water water
#
loop_
_entity_poly.entity_id
_entity_poly.type
_entity_poly.pdbx_seq_one_letter_code
_entity_poly.pdbx_strand_id
1 'polypeptide(L)' AVANATELVNKISENCFEKCLTSPYATRNDACIDQCLAKYMRSWNVISKAYISRIQNASASGEI A,C,E,G,I,K
2 'polypeptide(L)' LEGENSKQKVQMSIHQFTNICFKKCVESVNDSNLSSQEEQCLSNCVNRFLDTNIRIVNGLQNTR B,D,F,H,J,L
#
# COMPACT_ATOMS: atom_id res chain seq x y z
N ALA A 5 4.45 4.75 -30.13
CA ALA A 5 4.15 3.37 -30.63
C ALA A 5 4.26 2.35 -29.49
N THR A 6 5.49 1.99 -29.12
CA THR A 6 5.71 1.03 -28.03
C THR A 6 5.59 1.68 -26.63
N GLU A 7 5.78 3.00 -26.57
CA GLU A 7 5.70 3.75 -25.31
C GLU A 7 4.32 3.61 -24.67
N LEU A 8 3.30 3.58 -25.54
CA LEU A 8 1.92 3.35 -25.15
C LEU A 8 1.75 2.07 -24.31
N VAL A 9 2.30 0.97 -24.82
CA VAL A 9 2.22 -0.34 -24.18
C VAL A 9 2.64 -0.28 -22.72
N ASN A 10 3.71 0.45 -22.46
CA ASN A 10 4.22 0.59 -21.11
C ASN A 10 3.33 1.39 -20.17
N LYS A 11 2.66 2.42 -20.71
CA LYS A 11 1.77 3.27 -19.92
C LYS A 11 0.46 2.56 -19.55
N ILE A 12 -0.09 1.79 -20.49
CA ILE A 12 -1.23 0.97 -20.18
C ILE A 12 -0.86 -0.03 -19.08
N SER A 13 0.26 -0.70 -19.27
CA SER A 13 0.82 -1.66 -18.31
C SER A 13 0.93 -1.07 -16.92
N GLU A 14 1.48 0.14 -16.83
CA GLU A 14 1.57 0.83 -15.55
C GLU A 14 0.18 1.09 -14.95
N ASN A 15 -0.66 1.71 -15.74
CA ASN A 15 -2.00 2.07 -15.30
C ASN A 15 -2.77 0.84 -14.83
N CYS A 16 -2.76 -0.20 -15.64
CA CYS A 16 -3.49 -1.42 -15.31
C CYS A 16 -2.83 -2.21 -14.17
N PHE A 17 -1.51 -2.13 -14.08
CA PHE A 17 -0.80 -2.75 -12.98
C PHE A 17 -1.25 -2.15 -11.65
N GLU A 18 -1.27 -0.83 -11.59
CA GLU A 18 -1.74 -0.11 -10.40
C GLU A 18 -3.17 -0.46 -9.98
N LYS A 19 -4.08 -0.70 -10.94
CA LYS A 19 -5.51 -0.93 -10.61
C LYS A 19 -5.95 -2.36 -10.43
N CYS A 20 -5.16 -3.32 -10.92
CA CYS A 20 -5.55 -4.72 -10.86
C CYS A 20 -4.76 -5.57 -9.87
N LEU A 21 -3.57 -5.10 -9.48
CA LEU A 21 -2.64 -5.86 -8.65
C LEU A 21 -2.21 -5.04 -7.43
N THR A 22 -2.26 -5.66 -6.26
CA THR A 22 -1.77 -5.03 -5.01
C THR A 22 -0.87 -6.01 -4.26
N SER A 23 0.31 -5.53 -3.87
CA SER A 23 1.25 -6.27 -3.04
C SER A 23 0.49 -7.05 -1.96
N PRO A 24 0.92 -8.28 -1.67
CA PRO A 24 2.16 -8.99 -2.08
C PRO A 24 2.37 -9.46 -3.54
N TYR A 25 1.51 -9.07 -4.49
CA TYR A 25 1.67 -9.48 -5.91
C TYR A 25 1.71 -10.98 -6.08
N ALA A 26 0.92 -11.67 -5.25
CA ALA A 26 0.87 -13.13 -5.22
C ALA A 26 0.27 -13.74 -6.48
N THR A 27 -1.00 -13.44 -6.77
CA THR A 27 -1.75 -14.03 -7.90
C THR A 27 -1.98 -13.12 -9.14
N ARG A 28 -2.03 -13.76 -10.31
CA ARG A 28 -2.31 -13.10 -11.60
C ARG A 28 -3.77 -12.74 -11.74
N ASN A 29 -4.09 -11.45 -11.87
CA ASN A 29 -5.48 -11.02 -11.99
C ASN A 29 -5.84 -10.69 -13.47
N ASP A 30 -5.65 -11.68 -14.34
CA ASP A 30 -5.78 -11.45 -15.79
C ASP A 30 -7.15 -10.95 -16.27
N ALA A 31 -8.21 -11.42 -15.64
CA ALA A 31 -9.56 -10.96 -16.01
C ALA A 31 -9.65 -9.44 -15.86
N CYS A 32 -9.03 -8.93 -14.82
CA CYS A 32 -8.99 -7.49 -14.56
C CYS A 32 -8.14 -6.75 -15.59
N ILE A 33 -7.03 -7.32 -16.03
CA ILE A 33 -6.16 -6.67 -17.00
C ILE A 33 -6.87 -6.49 -18.32
N ASP A 34 -7.54 -7.54 -18.76
CA ASP A 34 -8.28 -7.51 -20.02
C ASP A 34 -9.32 -6.40 -20.03
N GLN A 35 -10.07 -6.32 -18.95
CA GLN A 35 -11.07 -5.28 -18.79
C GLN A 35 -10.39 -3.94 -18.86
N CYS A 36 -9.37 -3.78 -18.03
CA CYS A 36 -8.62 -2.53 -17.89
C CYS A 36 -8.07 -2.07 -19.25
N LEU A 37 -7.52 -3.00 -20.02
CA LEU A 37 -7.10 -2.72 -21.41
C LEU A 37 -8.27 -2.21 -22.25
N ALA A 38 -9.37 -2.97 -22.28
CA ALA A 38 -10.58 -2.59 -23.02
C ALA A 38 -11.04 -1.18 -22.62
N LYS A 39 -11.19 -0.98 -21.32
CA LYS A 39 -11.57 0.31 -20.73
C LYS A 39 -10.58 1.41 -21.12
N TYR A 40 -9.30 1.07 -21.20
CA TYR A 40 -8.28 2.04 -21.58
C TYR A 40 -8.46 2.52 -23.04
N MET A 41 -8.73 1.60 -23.94
CA MET A 41 -8.86 1.96 -25.37
C MET A 41 -10.12 2.75 -25.70
N ARG A 42 -11.19 2.45 -24.97
CA ARG A 42 -12.39 3.27 -25.00
C ARG A 42 -12.13 4.68 -24.50
N SER A 43 -11.27 4.81 -23.50
CA SER A 43 -10.92 6.11 -22.95
C SER A 43 -10.14 6.95 -23.96
N TRP A 44 -9.25 6.28 -24.66
CA TRP A 44 -8.42 6.88 -25.69
C TRP A 44 -9.28 7.48 -26.79
N ASN A 45 -10.25 6.69 -27.24
CA ASN A 45 -11.16 7.12 -28.29
C ASN A 45 -11.92 8.40 -27.92
N VAL A 46 -12.44 8.42 -26.70
CA VAL A 46 -13.20 9.56 -26.18
C VAL A 46 -12.37 10.82 -26.05
N ILE A 47 -11.11 10.67 -25.66
CA ILE A 47 -10.22 11.80 -25.51
C ILE A 47 -9.85 12.35 -26.88
N SER A 48 -9.49 11.47 -27.80
CA SER A 48 -9.09 11.92 -29.15
C SER A 48 -10.24 12.64 -29.81
N LYS A 49 -11.45 12.14 -29.56
CA LYS A 49 -12.63 12.76 -30.11
C LYS A 49 -12.82 14.14 -29.52
N ALA A 50 -12.77 14.23 -28.19
CA ALA A 50 -12.90 15.53 -27.51
C ALA A 50 -11.83 16.49 -28.01
N TYR A 51 -10.61 15.99 -28.10
CA TYR A 51 -9.44 16.77 -28.53
C TYR A 51 -9.56 17.36 -29.92
N ILE A 52 -9.90 16.53 -30.90
CA ILE A 52 -10.03 16.95 -32.29
C ILE A 52 -11.19 17.91 -32.52
N SER A 53 -12.29 17.69 -31.82
CA SER A 53 -13.42 18.60 -31.88
C SER A 53 -13.10 19.98 -31.33
N ARG A 54 -11.99 20.10 -30.60
CA ARG A 54 -11.58 21.37 -29.97
C ARG A 54 -10.75 22.21 -30.91
N ILE A 55 -9.74 21.57 -31.48
CA ILE A 55 -8.93 22.16 -32.53
C ILE A 55 -9.76 22.33 -33.81
N GLN A 56 -11.05 21.96 -33.73
CA GLN A 56 -12.05 22.19 -34.78
C GLN A 56 -11.66 21.62 -36.14
N ASN B 5 -2.36 20.80 -39.40
CA ASN B 5 -2.03 20.04 -38.15
C ASN B 5 -0.65 19.37 -38.27
N SER B 6 -0.39 18.41 -37.37
CA SER B 6 0.83 17.59 -37.40
C SER B 6 0.51 16.18 -36.89
N LYS B 7 0.21 15.29 -37.84
CA LYS B 7 -0.16 13.89 -37.58
C LYS B 7 0.56 13.27 -36.38
N GLN B 8 1.88 13.50 -36.33
CA GLN B 8 2.75 12.95 -35.29
C GLN B 8 2.45 13.51 -33.90
N LYS B 9 2.22 14.82 -33.82
CA LYS B 9 1.98 15.50 -32.55
C LYS B 9 0.54 15.33 -32.10
N VAL B 10 -0.34 15.10 -33.06
CA VAL B 10 -1.73 14.88 -32.75
C VAL B 10 -1.81 13.65 -31.84
N GLN B 11 -1.03 12.62 -32.16
CA GLN B 11 -1.01 11.38 -31.40
C GLN B 11 -0.36 11.59 -30.04
N MET B 12 0.85 12.16 -30.07
CA MET B 12 1.66 12.48 -28.90
C MET B 12 0.85 12.91 -27.66
N SER B 13 0.10 13.98 -27.83
CA SER B 13 -0.66 14.66 -26.76
C SER B 13 -1.78 13.75 -26.27
N ILE B 14 -2.51 13.17 -27.22
CA ILE B 14 -3.57 12.23 -26.90
C ILE B 14 -3.10 11.11 -25.97
N HIS B 15 -1.88 10.61 -26.19
CA HIS B 15 -1.29 9.61 -25.29
C HIS B 15 -1.16 10.18 -23.90
N GLN B 16 -0.56 11.36 -23.83
CA GLN B 16 -0.30 11.94 -22.55
C GLN B 16 -1.59 12.27 -21.81
N PHE B 17 -2.54 12.89 -22.51
CA PHE B 17 -3.82 13.25 -21.89
C PHE B 17 -4.55 12.03 -21.40
N THR B 18 -4.54 10.99 -22.23
CA THR B 18 -5.19 9.74 -21.89
C THR B 18 -4.57 9.18 -20.64
N ASN B 19 -3.26 9.20 -20.57
CA ASN B 19 -2.55 8.72 -19.40
C ASN B 19 -2.94 9.48 -18.11
N ILE B 20 -3.01 10.80 -18.19
CA ILE B 20 -3.38 11.60 -17.01
C ILE B 20 -4.84 11.38 -16.63
N CYS B 21 -5.72 11.50 -17.62
CA CYS B 21 -7.16 11.48 -17.38
C CYS B 21 -7.69 10.12 -17.02
N PHE B 22 -7.12 9.08 -17.60
CA PHE B 22 -7.55 7.71 -17.29
C PHE B 22 -7.40 7.42 -15.78
N LYS B 23 -6.25 7.78 -15.22
CA LYS B 23 -6.00 7.66 -13.79
C LYS B 23 -7.06 8.36 -12.94
N LYS B 24 -7.38 9.59 -13.34
CA LYS B 24 -8.29 10.44 -12.57
C LYS B 24 -9.75 10.09 -12.72
N CYS B 25 -10.16 9.58 -13.87
CA CYS B 25 -11.59 9.28 -14.14
C CYS B 25 -12.01 7.80 -14.08
N VAL B 26 -11.09 6.88 -14.36
CA VAL B 26 -11.38 5.46 -14.24
C VAL B 26 -10.91 5.03 -12.87
N GLU B 27 -11.83 5.02 -11.91
CA GLU B 27 -11.41 4.77 -10.55
C GLU B 27 -11.20 3.29 -10.27
N SER B 28 -11.83 2.44 -11.10
CA SER B 28 -11.81 0.99 -10.89
C SER B 28 -12.27 0.26 -12.15
N VAL B 29 -11.79 -0.96 -12.34
CA VAL B 29 -12.15 -1.81 -13.47
C VAL B 29 -12.96 -3.01 -12.98
N ASN B 30 -14.28 -3.00 -13.17
CA ASN B 30 -15.17 -4.12 -12.79
C ASN B 30 -15.91 -4.73 -13.98
N ASP B 31 -16.35 -3.88 -14.90
CA ASP B 31 -16.82 -4.34 -16.19
C ASP B 31 -15.93 -3.72 -17.27
N SER B 32 -16.08 -4.16 -18.52
CA SER B 32 -15.23 -3.62 -19.58
C SER B 32 -15.85 -2.35 -20.18
N ASN B 33 -17.06 -2.00 -19.75
CA ASN B 33 -17.79 -0.84 -20.27
C ASN B 33 -17.51 0.44 -19.48
N LEU B 34 -17.41 1.55 -20.21
CA LEU B 34 -17.26 2.88 -19.62
C LEU B 34 -18.64 3.36 -19.22
N SER B 35 -18.83 3.79 -17.98
CA SER B 35 -20.12 4.31 -17.55
C SER B 35 -20.31 5.73 -18.07
N SER B 36 -21.58 6.11 -18.16
CA SER B 36 -22.04 7.48 -18.41
C SER B 36 -21.11 8.50 -17.71
N GLN B 37 -21.00 8.34 -16.40
CA GLN B 37 -20.22 9.20 -15.52
C GLN B 37 -18.77 9.31 -15.97
N GLU B 38 -18.13 8.16 -16.19
CA GLU B 38 -16.70 8.16 -16.52
C GLU B 38 -16.39 8.58 -17.94
N GLU B 39 -17.38 8.59 -18.82
CA GLU B 39 -17.16 9.05 -20.19
C GLU B 39 -17.14 10.59 -20.26
N GLN B 40 -18.01 11.21 -19.48
CA GLN B 40 -18.14 12.66 -19.42
C GLN B 40 -16.97 13.29 -18.61
N CYS B 41 -16.58 12.60 -17.53
CA CYS B 41 -15.39 12.95 -16.75
C CYS B 41 -14.16 12.99 -17.66
N LEU B 42 -14.07 12.00 -18.53
CA LEU B 42 -12.98 11.84 -19.48
C LEU B 42 -12.86 13.01 -20.49
N SER B 43 -13.98 13.48 -21.00
CA SER B 43 -13.97 14.56 -22.00
C SER B 43 -13.87 15.95 -21.36
N ASN B 44 -14.57 16.15 -20.24
CA ASN B 44 -14.32 17.31 -19.37
C ASN B 44 -12.84 17.43 -18.99
N CYS B 45 -12.25 16.35 -18.50
CA CYS B 45 -10.82 16.33 -18.08
C CYS B 45 -9.89 16.91 -19.18
N VAL B 46 -9.99 16.39 -20.40
CA VAL B 46 -9.22 16.91 -21.55
C VAL B 46 -9.44 18.42 -21.77
N ASN B 47 -10.71 18.84 -21.78
CA ASN B 47 -11.07 20.23 -22.06
C ASN B 47 -10.52 21.18 -20.99
N ARG B 48 -10.82 20.81 -19.76
CA ARG B 48 -10.34 21.51 -18.58
C ARG B 48 -8.81 21.60 -18.57
N PHE B 49 -8.15 20.54 -19.03
CA PHE B 49 -6.70 20.56 -19.11
C PHE B 49 -6.19 21.57 -20.15
N LEU B 50 -6.82 21.58 -21.33
CA LEU B 50 -6.47 22.54 -22.40
C LEU B 50 -6.69 23.98 -21.96
N ASP B 51 -7.82 24.22 -21.30
CA ASP B 51 -8.16 25.54 -20.72
C ASP B 51 -7.04 26.01 -19.79
N THR B 52 -6.57 25.10 -18.92
CA THR B 52 -5.46 25.39 -18.01
C THR B 52 -4.19 25.82 -18.79
N ASN B 53 -3.79 25.01 -19.76
CA ASN B 53 -2.62 25.35 -20.55
C ASN B 53 -2.68 26.81 -21.02
N ILE B 54 -3.80 27.19 -21.64
CA ILE B 54 -3.96 28.54 -22.21
C ILE B 54 -3.85 29.60 -21.12
N ARG B 55 -4.57 29.37 -20.02
CA ARG B 55 -4.52 30.27 -18.88
C ARG B 55 -3.08 30.48 -18.38
N ILE B 56 -2.34 29.38 -18.28
CA ILE B 56 -0.95 29.42 -17.84
C ILE B 56 -0.06 30.18 -18.82
N VAL B 57 -0.18 29.87 -20.10
CA VAL B 57 0.69 30.49 -21.12
C VAL B 57 0.35 31.97 -21.27
N ASN B 58 -0.94 32.31 -21.32
CA ASN B 58 -1.34 33.72 -21.36
C ASN B 58 -0.73 34.41 -20.16
N GLY B 59 -0.96 33.85 -18.97
CA GLY B 59 -0.43 34.39 -17.71
C GLY B 59 1.08 34.55 -17.65
N LEU B 60 1.81 33.71 -18.37
CA LEU B 60 3.28 33.80 -18.42
C LEU B 60 3.76 35.00 -19.27
N GLN B 61 2.94 35.48 -20.20
CA GLN B 61 3.33 36.63 -21.00
C GLN B 61 2.99 37.93 -20.27
N ASN B 62 1.70 38.27 -20.18
CA ASN B 62 1.24 39.47 -19.46
C ASN B 62 2.09 39.76 -18.22
N THR B 63 2.29 38.72 -17.39
CA THR B 63 3.05 38.79 -16.16
C THR B 63 4.38 38.05 -16.30
N ALA C 5 24.20 14.22 -11.55
CA ALA C 5 23.76 12.88 -11.06
C ALA C 5 23.04 12.07 -12.16
N THR C 6 23.41 10.79 -12.28
CA THR C 6 22.83 9.87 -13.29
C THR C 6 21.35 9.48 -13.00
N GLU C 7 20.69 8.91 -14.00
CA GLU C 7 19.25 8.53 -13.95
C GLU C 7 18.93 7.69 -12.71
N LEU C 8 19.79 6.72 -12.44
CA LEU C 8 19.69 5.85 -11.26
C LEU C 8 19.82 6.63 -9.95
N VAL C 9 20.91 7.41 -9.84
CA VAL C 9 21.19 8.21 -8.64
C VAL C 9 19.96 9.03 -8.23
N ASN C 10 19.33 9.66 -9.21
CA ASN C 10 18.17 10.51 -8.95
C ASN C 10 16.96 9.74 -8.45
N LYS C 11 16.76 8.54 -8.98
CA LYS C 11 15.61 7.73 -8.60
C LYS C 11 15.74 7.15 -7.21
N ILE C 12 16.95 6.75 -6.85
CA ILE C 12 17.20 6.31 -5.47
C ILE C 12 16.96 7.50 -4.53
N SER C 13 17.53 8.64 -4.89
CA SER C 13 17.37 9.87 -4.12
C SER C 13 15.91 10.15 -3.87
N GLU C 14 15.10 10.11 -4.93
CA GLU C 14 13.66 10.32 -4.79
C GLU C 14 13.02 9.31 -3.86
N ASN C 15 13.27 8.05 -4.14
CA ASN C 15 12.71 6.97 -3.32
C ASN C 15 13.07 7.11 -1.85
N CYS C 16 14.36 7.30 -1.57
CA CYS C 16 14.83 7.42 -0.21
C CYS C 16 14.44 8.75 0.44
N PHE C 17 14.34 9.81 -0.35
CA PHE C 17 13.81 11.08 0.15
C PHE C 17 12.40 10.91 0.69
N GLU C 18 11.55 10.29 -0.11
CA GLU C 18 10.17 10.04 0.30
C GLU C 18 10.05 9.24 1.62
N LYS C 19 10.94 8.26 1.85
CA LYS C 19 10.80 7.34 3.00
C LYS C 19 11.54 7.73 4.26
N CYS C 20 12.52 8.62 4.13
CA CYS C 20 13.36 9.00 5.27
C CYS C 20 13.13 10.43 5.78
N LEU C 21 12.49 11.28 4.96
CA LEU C 21 12.32 12.68 5.32
C LEU C 21 10.90 13.16 5.12
N THR C 22 10.50 14.04 6.04
CA THR C 22 9.16 14.63 6.11
C THR C 22 9.25 16.15 6.24
N SER C 23 8.24 16.83 5.71
CA SER C 23 8.04 18.26 5.92
C SER C 23 8.18 18.57 7.40
N PRO C 24 8.73 19.73 7.77
CA PRO C 24 9.28 20.87 7.03
C PRO C 24 10.71 20.70 6.56
N TYR C 25 11.26 19.50 6.76
CA TYR C 25 12.55 19.11 6.25
C TYR C 25 13.70 19.87 6.90
N ALA C 26 13.56 20.18 8.19
CA ALA C 26 14.64 20.86 8.91
C ALA C 26 15.64 19.81 9.37
N THR C 27 15.12 18.71 9.91
CA THR C 27 15.95 17.65 10.52
C THR C 27 16.43 16.57 9.54
N ARG C 28 17.73 16.52 9.30
CA ARG C 28 18.40 15.55 8.42
C ARG C 28 18.33 14.18 9.10
N ASN C 29 18.61 13.10 8.35
CA ASN C 29 18.42 11.73 8.87
C ASN C 29 19.25 10.73 8.08
N ASP C 30 20.56 10.97 8.10
CA ASP C 30 21.51 10.20 7.30
C ASP C 30 21.49 8.70 7.53
N ALA C 31 21.24 8.27 8.77
CA ALA C 31 21.21 6.83 9.11
C ALA C 31 20.15 6.11 8.29
N CYS C 32 19.02 6.76 8.10
CA CYS C 32 17.93 6.21 7.30
C CYS C 32 18.26 6.14 5.80
N ILE C 33 18.95 7.15 5.29
CA ILE C 33 19.32 7.18 3.88
C ILE C 33 20.26 6.05 3.54
N ASP C 34 21.26 5.84 4.39
CA ASP C 34 22.25 4.77 4.19
C ASP C 34 21.57 3.41 4.14
N GLN C 35 20.65 3.18 5.05
CA GLN C 35 19.92 1.94 5.08
C GLN C 35 19.15 1.83 3.77
N CYS C 36 18.39 2.87 3.48
CA CYS C 36 17.54 2.91 2.31
C CYS C 36 18.32 2.63 1.01
N LEU C 37 19.51 3.23 0.90
CA LEU C 37 20.43 2.92 -0.20
C LEU C 37 20.77 1.42 -0.24
N ALA C 38 21.26 0.89 0.88
CA ALA C 38 21.60 -0.54 1.00
C ALA C 38 20.42 -1.39 0.57
N LYS C 39 19.28 -1.13 1.20
CA LYS C 39 18.03 -1.84 0.89
C LYS C 39 17.67 -1.73 -0.58
N TYR C 40 17.96 -0.58 -1.19
CA TYR C 40 17.65 -0.35 -2.60
C TYR C 40 18.50 -1.22 -3.52
N MET C 41 19.79 -1.33 -3.22
CA MET C 41 20.71 -2.12 -4.07
C MET C 41 20.46 -3.64 -3.96
N ARG C 42 20.08 -4.10 -2.77
CA ARG C 42 19.61 -5.47 -2.60
C ARG C 42 18.35 -5.75 -3.41
N SER C 43 17.49 -4.74 -3.51
CA SER C 43 16.24 -4.90 -4.25
C SER C 43 16.54 -5.04 -5.73
N TRP C 44 17.48 -4.25 -6.21
CA TRP C 44 17.93 -4.25 -7.61
C TRP C 44 18.42 -5.62 -8.01
N ASN C 45 19.28 -6.18 -7.15
CA ASN C 45 19.84 -7.51 -7.39
C ASN C 45 18.76 -8.55 -7.56
N VAL C 46 17.78 -8.54 -6.65
CA VAL C 46 16.68 -9.51 -6.66
C VAL C 46 15.82 -9.41 -7.91
N ILE C 47 15.59 -8.18 -8.34
CA ILE C 47 14.79 -7.93 -9.54
C ILE C 47 15.53 -8.35 -10.80
N SER C 48 16.81 -8.02 -10.91
CA SER C 48 17.61 -8.43 -12.07
C SER C 48 17.70 -9.94 -12.17
N LYS C 49 17.81 -10.58 -11.01
CA LYS C 49 17.86 -12.05 -10.96
C LYS C 49 16.53 -12.63 -11.43
N ALA C 50 15.44 -12.14 -10.87
CA ALA C 50 14.11 -12.59 -11.27
C ALA C 50 13.89 -12.37 -12.77
N TYR C 51 14.31 -11.21 -13.23
CA TYR C 51 14.16 -10.80 -14.62
C TYR C 51 14.92 -11.71 -15.59
N ILE C 52 16.20 -11.93 -15.34
CA ILE C 52 17.02 -12.74 -16.23
C ILE C 52 16.58 -14.19 -16.26
N SER C 53 16.18 -14.72 -15.12
CA SER C 53 15.68 -16.09 -15.03
C SER C 53 14.40 -16.26 -15.85
N ARG C 54 13.89 -15.20 -16.46
CA ARG C 54 12.64 -15.27 -17.19
C ARG C 54 12.80 -14.84 -18.64
N ILE C 55 14.04 -14.79 -19.12
CA ILE C 55 14.34 -14.50 -20.54
C ILE C 55 14.35 -15.78 -21.38
N GLN C 56 14.04 -16.92 -20.76
CA GLN C 56 14.07 -18.24 -21.42
C GLN C 56 15.50 -18.68 -21.73
N SER D 6 20.16 -4.95 -25.60
CA SER D 6 20.54 -6.10 -24.72
C SER D 6 21.43 -5.62 -23.56
N LYS D 7 22.62 -5.15 -23.92
CA LYS D 7 23.59 -4.69 -22.94
C LYS D 7 23.04 -3.52 -22.12
N GLN D 8 22.58 -2.49 -22.81
CA GLN D 8 22.06 -1.27 -22.18
C GLN D 8 20.59 -1.39 -21.78
N LYS D 9 19.82 -2.08 -22.63
CA LYS D 9 18.37 -2.16 -22.48
C LYS D 9 17.96 -2.97 -21.27
N VAL D 10 18.82 -3.88 -20.83
CA VAL D 10 18.55 -4.68 -19.65
C VAL D 10 18.59 -3.77 -18.43
N GLN D 11 19.65 -2.96 -18.34
CA GLN D 11 19.86 -2.07 -17.21
C GLN D 11 18.67 -1.15 -17.06
N MET D 12 18.30 -0.50 -18.16
CA MET D 12 17.21 0.47 -18.19
C MET D 12 15.89 -0.11 -17.70
N SER D 13 15.61 -1.38 -18.00
CA SER D 13 14.37 -2.00 -17.53
C SER D 13 14.48 -2.30 -16.05
N ILE D 14 15.58 -2.93 -15.66
CA ILE D 14 15.86 -3.23 -14.25
C ILE D 14 15.77 -1.97 -13.38
N HIS D 15 16.26 -0.84 -13.89
CA HIS D 15 16.15 0.43 -13.18
C HIS D 15 14.71 0.77 -12.98
N GLN D 16 13.92 0.73 -14.04
CA GLN D 16 12.56 1.12 -13.90
C GLN D 16 11.74 0.15 -13.11
N PHE D 17 11.97 -1.12 -13.28
CA PHE D 17 11.22 -2.08 -12.49
C PHE D 17 11.53 -1.92 -11.02
N THR D 18 12.81 -1.73 -10.73
CA THR D 18 13.25 -1.54 -9.38
C THR D 18 12.51 -0.33 -8.80
N ASN D 19 12.51 0.76 -9.55
CA ASN D 19 11.87 1.98 -9.12
C ASN D 19 10.38 1.76 -8.81
N ILE D 20 9.67 1.05 -9.67
CA ILE D 20 8.23 0.82 -9.42
C ILE D 20 8.04 -0.08 -8.22
N CYS D 21 8.71 -1.23 -8.25
CA CYS D 21 8.50 -2.28 -7.24
C CYS D 21 8.99 -1.91 -5.84
N PHE D 22 10.12 -1.20 -5.78
CA PHE D 22 10.68 -0.78 -4.50
C PHE D 22 9.64 0.01 -3.72
N LYS D 23 9.00 0.98 -4.39
CA LYS D 23 7.90 1.76 -3.78
C LYS D 23 6.82 0.85 -3.20
N LYS D 24 6.38 -0.11 -4.01
CA LYS D 24 5.24 -0.94 -3.68
C LYS D 24 5.50 -2.01 -2.62
N CYS D 25 6.74 -2.50 -2.55
CA CYS D 25 7.09 -3.57 -1.63
C CYS D 25 7.88 -3.18 -0.37
N VAL D 26 8.64 -2.08 -0.42
CA VAL D 26 9.51 -1.69 0.70
C VAL D 26 8.87 -0.56 1.51
N GLU D 27 8.11 -0.96 2.53
CA GLU D 27 7.15 -0.11 3.24
C GLU D 27 7.78 0.88 4.21
N SER D 28 8.72 0.36 5.00
CA SER D 28 9.41 1.15 6.00
C SER D 28 10.85 0.65 6.13
N VAL D 29 11.78 1.59 6.04
CA VAL D 29 13.18 1.34 6.24
C VAL D 29 13.51 1.55 7.71
N ASN D 30 13.97 0.50 8.39
CA ASN D 30 14.67 0.70 9.68
C ASN D 30 15.93 -0.20 9.89
N ASP D 31 16.33 -0.94 8.86
CA ASP D 31 17.62 -1.64 8.78
C ASP D 31 18.08 -1.76 7.31
N SER D 32 19.24 -2.33 7.06
CA SER D 32 19.72 -2.44 5.68
C SER D 32 19.44 -3.82 5.03
N ASN D 33 18.84 -4.74 5.77
CA ASN D 33 18.44 -6.07 5.27
C ASN D 33 17.02 -6.10 4.67
N LEU D 34 16.87 -6.77 3.53
CA LEU D 34 15.57 -7.12 2.98
C LEU D 34 15.12 -8.36 3.70
N SER D 35 13.88 -8.35 4.20
CA SER D 35 13.29 -9.51 4.88
C SER D 35 12.91 -10.55 3.86
N SER D 36 12.50 -11.72 4.36
CA SER D 36 12.02 -12.79 3.50
C SER D 36 10.75 -12.35 2.77
N GLN D 37 9.78 -11.79 3.51
CA GLN D 37 8.53 -11.33 2.88
C GLN D 37 8.80 -10.29 1.78
N GLU D 38 9.35 -9.12 2.11
CA GLU D 38 9.59 -8.05 1.10
C GLU D 38 10.51 -8.49 -0.05
N GLU D 39 11.20 -9.61 0.12
CA GLU D 39 12.04 -10.15 -0.95
C GLU D 39 11.20 -10.88 -2.00
N GLN D 40 10.16 -11.57 -1.51
CA GLN D 40 9.26 -12.36 -2.35
C GLN D 40 8.27 -11.42 -3.09
N CYS D 41 7.79 -10.41 -2.38
CA CYS D 41 7.00 -9.34 -2.98
C CYS D 41 7.77 -8.73 -4.14
N LEU D 42 9.04 -8.48 -3.92
CA LEU D 42 9.90 -7.87 -4.92
C LEU D 42 9.98 -8.69 -6.23
N SER D 43 10.13 -10.01 -6.11
CA SER D 43 10.32 -10.86 -7.29
C SER D 43 8.99 -11.16 -7.98
N ASN D 44 7.97 -11.43 -7.18
CA ASN D 44 6.59 -11.48 -7.67
C ASN D 44 6.25 -10.24 -8.50
N CYS D 45 6.47 -9.08 -7.90
CA CYS D 45 6.19 -7.79 -8.55
C CYS D 45 6.76 -7.72 -9.98
N VAL D 46 8.06 -8.03 -10.13
CA VAL D 46 8.70 -8.05 -11.47
C VAL D 46 7.97 -9.01 -12.44
N ASN D 47 7.69 -10.23 -11.96
CA ASN D 47 7.09 -11.29 -12.79
C ASN D 47 5.70 -10.92 -13.25
N ARG D 48 4.90 -10.53 -12.26
CA ARG D 48 3.56 -10.05 -12.46
C ARG D 48 3.53 -8.85 -13.42
N PHE D 49 4.53 -7.99 -13.33
CA PHE D 49 4.63 -6.88 -14.26
C PHE D 49 4.88 -7.35 -15.71
N LEU D 50 5.82 -8.28 -15.88
CA LEU D 50 6.14 -8.84 -17.19
C LEU D 50 4.95 -9.56 -17.79
N ASP D 51 4.23 -10.31 -16.96
CA ASP D 51 3.00 -10.99 -17.38
C ASP D 51 2.00 -9.99 -17.94
N THR D 52 1.86 -8.86 -17.25
CA THR D 52 0.98 -7.78 -17.66
C THR D 52 1.34 -7.23 -19.03
N ASN D 53 2.61 -6.89 -19.23
CA ASN D 53 3.08 -6.41 -20.54
C ASN D 53 2.62 -7.33 -21.68
N ILE D 54 2.86 -8.63 -21.51
CA ILE D 54 2.52 -9.61 -22.55
C ILE D 54 1.02 -9.64 -22.82
N ARG D 55 0.25 -9.71 -21.74
CA ARG D 55 -1.20 -9.71 -21.84
C ARG D 55 -1.69 -8.48 -22.60
N ILE D 56 -1.13 -7.33 -22.27
CA ILE D 56 -1.48 -6.07 -22.94
C ILE D 56 -1.10 -6.10 -24.42
N VAL D 57 0.12 -6.49 -24.74
CA VAL D 57 0.60 -6.47 -26.12
C VAL D 57 -0.13 -7.51 -26.97
N ASN D 58 -0.34 -8.70 -26.43
CA ASN D 58 -1.14 -9.71 -27.13
C ASN D 58 -2.49 -9.11 -27.41
N GLY D 59 -3.14 -8.60 -26.36
CA GLY D 59 -4.47 -7.98 -26.46
C GLY D 59 -4.57 -6.84 -27.47
N LEU D 60 -3.47 -6.11 -27.68
CA LEU D 60 -3.44 -4.99 -28.64
C LEU D 60 -3.36 -5.51 -30.07
N ALA E 5 12.07 25.36 -21.47
CA ALA E 5 11.22 26.50 -21.03
C ALA E 5 9.73 26.27 -21.32
N THR E 6 9.43 25.32 -22.22
CA THR E 6 8.05 25.06 -22.64
C THR E 6 7.45 23.78 -22.06
N GLU E 7 8.28 22.86 -21.57
CA GLU E 7 7.80 21.70 -20.82
C GLU E 7 7.30 22.20 -19.46
N LEU E 8 8.01 23.21 -18.96
CA LEU E 8 7.62 23.90 -17.74
C LEU E 8 6.10 24.10 -17.71
N VAL E 9 5.58 24.67 -18.80
CA VAL E 9 4.15 24.96 -18.93
C VAL E 9 3.31 23.74 -18.55
N ASN E 10 3.73 22.57 -19.04
CA ASN E 10 2.99 21.33 -18.79
C ASN E 10 3.03 20.88 -17.35
N LYS E 11 4.16 21.11 -16.68
CA LYS E 11 4.30 20.72 -15.27
C LYS E 11 3.51 21.60 -14.31
N ILE E 12 3.47 22.90 -14.59
CA ILE E 12 2.63 23.80 -13.83
C ILE E 12 1.17 23.39 -14.03
N SER E 13 0.80 23.20 -15.30
CA SER E 13 -0.55 22.76 -15.65
C SER E 13 -0.95 21.53 -14.85
N GLU E 14 -0.08 20.53 -14.80
CA GLU E 14 -0.35 19.31 -14.03
C GLU E 14 -0.52 19.61 -12.54
N ASN E 15 0.45 20.33 -12.01
CA ASN E 15 0.43 20.66 -10.59
C ASN E 15 -0.82 21.45 -10.21
N CYS E 16 -1.13 22.47 -11.00
CA CYS E 16 -2.30 23.31 -10.73
C CYS E 16 -3.62 22.61 -11.03
N PHE E 17 -3.61 21.72 -12.02
CA PHE E 17 -4.77 20.89 -12.34
C PHE E 17 -5.11 20.04 -11.10
N GLU E 18 -4.11 19.36 -10.57
CA GLU E 18 -4.33 18.51 -9.39
C GLU E 18 -4.93 19.29 -8.18
N LYS E 19 -4.54 20.55 -7.97
CA LYS E 19 -4.93 21.30 -6.76
C LYS E 19 -6.15 22.19 -6.88
N CYS E 20 -6.58 22.47 -8.09
CA CYS E 20 -7.71 23.37 -8.29
C CYS E 20 -8.96 22.71 -8.87
N LEU E 21 -8.81 21.49 -9.41
CA LEU E 21 -9.93 20.81 -10.05
C LEU E 21 -10.06 19.35 -9.60
N THR E 22 -11.30 18.84 -9.61
CA THR E 22 -11.60 17.47 -9.18
C THR E 22 -12.68 16.81 -10.04
N SER E 23 -12.62 15.48 -10.13
CA SER E 23 -13.65 14.67 -10.78
C SER E 23 -15.05 15.12 -10.33
N PRO E 24 -16.00 15.22 -11.29
CA PRO E 24 -16.00 14.93 -12.73
C PRO E 24 -15.53 16.08 -13.62
N TYR E 25 -14.85 17.05 -13.04
CA TYR E 25 -14.25 18.16 -13.77
C TYR E 25 -15.24 18.98 -14.61
N ALA E 26 -16.42 19.25 -14.02
CA ALA E 26 -17.45 20.03 -14.70
C ALA E 26 -17.14 21.52 -14.65
N THR E 27 -16.90 22.01 -13.43
CA THR E 27 -16.78 23.43 -13.20
C THR E 27 -15.38 23.96 -13.33
N ARG E 28 -15.23 24.85 -14.32
CA ARG E 28 -14.02 25.62 -14.59
C ARG E 28 -13.76 26.59 -13.44
N ASN E 29 -12.49 26.74 -13.02
CA ASN E 29 -12.14 27.53 -11.82
C ASN E 29 -10.81 28.30 -11.98
N ASP E 30 -10.91 29.41 -12.69
CA ASP E 30 -9.76 30.20 -13.08
C ASP E 30 -9.16 31.07 -11.98
N ALA E 31 -9.90 31.34 -10.91
CA ALA E 31 -9.34 32.10 -9.79
C ALA E 31 -8.25 31.30 -9.09
N CYS E 32 -8.53 30.02 -8.89
CA CYS E 32 -7.58 29.12 -8.28
C CYS E 32 -6.35 28.89 -9.13
N ILE E 33 -6.51 28.79 -10.44
CA ILE E 33 -5.37 28.54 -11.34
C ILE E 33 -4.38 29.72 -11.28
N ASP E 34 -4.93 30.91 -11.36
CA ASP E 34 -4.13 32.13 -11.35
C ASP E 34 -3.27 32.19 -10.08
N GLN E 35 -3.90 31.93 -8.95
CA GLN E 35 -3.22 31.91 -7.69
C GLN E 35 -2.13 30.86 -7.76
N CYS E 36 -2.51 29.65 -8.16
CA CYS E 36 -1.60 28.51 -8.22
C CYS E 36 -0.38 28.79 -9.12
N LEU E 37 -0.62 29.43 -10.27
CA LEU E 37 0.46 29.91 -11.11
C LEU E 37 1.38 30.86 -10.33
N ALA E 38 0.81 31.92 -9.79
CA ALA E 38 1.56 32.90 -9.00
C ALA E 38 2.39 32.20 -7.93
N LYS E 39 1.72 31.37 -7.14
CA LYS E 39 2.34 30.62 -6.07
C LYS E 39 3.45 29.73 -6.59
N TYR E 40 3.28 29.20 -7.79
CA TYR E 40 4.27 28.35 -8.41
C TYR E 40 5.53 29.10 -8.74
N MET E 41 5.41 30.29 -9.33
CA MET E 41 6.59 31.08 -9.76
C MET E 41 7.39 31.61 -8.58
N ARG E 42 6.69 31.97 -7.49
CA ARG E 42 7.35 32.31 -6.23
C ARG E 42 8.12 31.14 -5.66
N SER E 43 7.61 29.94 -5.85
CA SER E 43 8.28 28.76 -5.36
C SER E 43 9.58 28.52 -6.10
N TRP E 44 9.52 28.74 -7.42
CA TRP E 44 10.64 28.60 -8.36
C TRP E 44 11.78 29.52 -7.95
N ASN E 45 11.43 30.76 -7.68
CA ASN E 45 12.41 31.75 -7.26
C ASN E 45 13.17 31.32 -5.99
N VAL E 46 12.42 30.84 -4.99
CA VAL E 46 12.98 30.42 -3.72
C VAL E 46 13.90 29.22 -3.87
N ILE E 47 13.51 28.31 -4.75
CA ILE E 47 14.30 27.11 -4.98
C ILE E 47 15.57 27.43 -5.73
N SER E 48 15.48 28.26 -6.77
CA SER E 48 16.69 28.68 -7.53
C SER E 48 17.66 29.47 -6.65
N LYS E 49 17.12 30.28 -5.76
CA LYS E 49 17.93 31.00 -4.81
C LYS E 49 18.65 30.01 -3.88
N ALA E 50 17.88 29.11 -3.25
CA ALA E 50 18.46 28.14 -2.34
C ALA E 50 19.53 27.31 -3.05
N TYR E 51 19.20 26.91 -4.26
CA TYR E 51 20.08 26.08 -5.09
C TYR E 51 21.42 26.74 -5.41
N ILE E 52 21.36 27.97 -5.91
CA ILE E 52 22.58 28.71 -6.28
C ILE E 52 23.47 29.06 -5.08
N SER E 53 22.85 29.38 -3.95
CA SER E 53 23.59 29.66 -2.70
C SER E 53 24.31 28.42 -2.19
N ARG E 54 24.07 27.29 -2.83
CA ARG E 54 24.64 26.02 -2.42
C ARG E 54 25.80 25.64 -3.34
N ILE E 55 25.75 26.10 -4.60
CA ILE E 55 26.89 25.96 -5.51
C ILE E 55 27.84 27.17 -5.30
N GLN E 56 28.09 27.44 -4.01
CA GLN E 56 28.86 28.59 -3.50
C GLN E 56 28.88 29.80 -4.44
N SER F 6 27.49 25.19 -17.77
CA SER F 6 26.25 24.52 -17.24
C SER F 6 25.16 25.53 -16.94
N LYS F 7 25.01 26.54 -17.80
CA LYS F 7 23.97 27.57 -17.65
C LYS F 7 22.56 27.04 -17.93
N GLN F 8 22.48 25.93 -18.65
CA GLN F 8 21.20 25.27 -18.98
C GLN F 8 20.80 24.23 -17.90
N LYS F 9 21.80 23.53 -17.36
CA LYS F 9 21.59 22.49 -16.35
C LYS F 9 21.12 23.09 -15.02
N VAL F 10 21.27 24.41 -14.88
CA VAL F 10 20.70 25.14 -13.75
C VAL F 10 19.17 25.11 -13.87
N GLN F 11 18.66 25.46 -15.05
CA GLN F 11 17.22 25.49 -15.29
C GLN F 11 16.64 24.10 -15.07
N MET F 12 17.20 23.13 -15.78
CA MET F 12 16.74 21.73 -15.80
C MET F 12 16.57 21.13 -14.39
N SER F 13 17.50 21.43 -13.48
CA SER F 13 17.41 20.92 -12.09
C SER F 13 16.38 21.72 -11.32
N ILE F 14 16.48 23.05 -11.39
CA ILE F 14 15.52 23.93 -10.72
C ILE F 14 14.08 23.56 -11.07
N HIS F 15 13.83 23.21 -12.34
CA HIS F 15 12.50 22.79 -12.78
C HIS F 15 12.12 21.55 -12.05
N GLN F 16 13.05 20.62 -12.01
CA GLN F 16 12.72 19.36 -11.38
C GLN F 16 12.58 19.40 -9.89
N PHE F 17 13.41 20.15 -9.24
CA PHE F 17 13.30 20.32 -7.79
C PHE F 17 12.00 21.04 -7.44
N THR F 18 11.71 22.09 -8.20
CA THR F 18 10.50 22.86 -8.00
C THR F 18 9.32 21.92 -8.07
N ASN F 19 9.28 21.11 -9.11
CA ASN F 19 8.20 20.17 -9.30
C ASN F 19 8.05 19.24 -8.12
N ILE F 20 9.15 18.68 -7.62
CA ILE F 20 9.06 17.73 -6.50
C ILE F 20 8.65 18.46 -5.22
N CYS F 21 9.36 19.54 -4.92
CA CYS F 21 9.15 20.28 -3.64
C CYS F 21 7.79 21.00 -3.56
N PHE F 22 7.35 21.56 -4.69
CA PHE F 22 6.08 22.27 -4.72
C PHE F 22 4.95 21.37 -4.25
N LYS F 23 4.91 20.14 -4.77
CA LYS F 23 3.94 19.13 -4.32
C LYS F 23 4.00 18.91 -2.82
N LYS F 24 5.21 18.76 -2.30
CA LYS F 24 5.40 18.37 -0.90
C LYS F 24 5.20 19.47 0.10
N CYS F 25 5.46 20.72 -0.30
CA CYS F 25 5.35 21.87 0.61
C CYS F 25 4.08 22.74 0.48
N VAL F 26 3.39 22.69 -0.66
CA VAL F 26 2.19 23.51 -0.85
C VAL F 26 0.91 22.67 -0.78
N GLU F 27 0.28 22.65 0.41
CA GLU F 27 -0.89 21.81 0.65
C GLU F 27 -2.22 22.44 0.20
N SER F 28 -2.17 23.66 -0.34
CA SER F 28 -3.38 24.34 -0.87
C SER F 28 -3.09 25.76 -1.40
N VAL F 29 -3.86 26.12 -2.43
CA VAL F 29 -3.78 27.39 -3.12
C VAL F 29 -5.02 28.21 -2.76
N ASN F 30 -4.88 29.18 -1.86
CA ASN F 30 -6.00 30.09 -1.49
C ASN F 30 -5.68 31.57 -1.71
N ASP F 31 -4.40 31.90 -1.65
CA ASP F 31 -3.87 33.21 -1.99
C ASP F 31 -2.75 32.97 -3.00
N SER F 32 -2.23 34.03 -3.60
CA SER F 32 -1.16 33.88 -4.58
C SER F 32 0.22 34.10 -3.90
N ASN F 33 0.26 33.87 -2.59
CA ASN F 33 1.42 34.13 -1.75
C ASN F 33 1.95 32.89 -1.05
N LEU F 34 3.26 32.86 -0.83
CA LEU F 34 3.87 31.88 0.06
C LEU F 34 3.90 32.40 1.50
N SER F 35 3.35 31.59 2.39
CA SER F 35 3.51 31.81 3.81
C SER F 35 4.93 31.51 4.22
N SER F 36 5.27 31.90 5.45
CA SER F 36 6.60 31.71 5.98
C SER F 36 6.89 30.23 6.06
N GLN F 37 6.03 29.48 6.74
CA GLN F 37 6.18 28.03 6.88
C GLN F 37 6.42 27.35 5.53
N GLU F 38 5.61 27.65 4.51
CA GLU F 38 5.82 27.03 3.21
C GLU F 38 7.05 27.53 2.47
N GLU F 39 7.56 28.70 2.84
CA GLU F 39 8.77 29.22 2.19
C GLU F 39 10.05 28.55 2.70
N GLN F 40 10.02 28.20 3.98
CA GLN F 40 11.15 27.55 4.67
C GLN F 40 11.18 26.05 4.33
N CYS F 41 10.00 25.45 4.25
CA CYS F 41 9.83 24.07 3.79
C CYS F 41 10.44 23.93 2.38
N LEU F 42 10.14 24.90 1.54
CA LEU F 42 10.60 24.93 0.16
C LEU F 42 12.12 24.96 0.03
N SER F 43 12.81 25.71 0.89
CA SER F 43 14.29 25.82 0.80
C SER F 43 15.00 24.66 1.51
N ASN F 44 14.48 24.28 2.67
CA ASN F 44 14.88 23.02 3.30
C ASN F 44 14.79 21.83 2.35
N CYS F 45 13.64 21.67 1.71
CA CYS F 45 13.39 20.58 0.75
C CYS F 45 14.50 20.48 -0.31
N VAL F 46 14.83 21.58 -0.97
CA VAL F 46 15.94 21.60 -1.95
C VAL F 46 17.28 21.15 -1.33
N ASN F 47 17.59 21.69 -0.16
CA ASN F 47 18.88 21.42 0.53
C ASN F 47 18.99 20.00 0.94
N ARG F 48 17.95 19.55 1.63
CA ARG F 48 17.81 18.15 2.02
C ARG F 48 17.93 17.20 0.82
N PHE F 49 17.34 17.59 -0.31
CA PHE F 49 17.42 16.78 -1.51
C PHE F 49 18.84 16.66 -2.02
N LEU F 50 19.55 17.79 -2.06
CA LEU F 50 20.97 17.81 -2.49
C LEU F 50 21.86 16.99 -1.57
N ASP F 51 21.63 17.12 -0.27
CA ASP F 51 22.35 16.31 0.73
C ASP F 51 22.19 14.81 0.39
N THR F 52 20.95 14.41 0.08
CA THR F 52 20.62 13.02 -0.26
C THR F 52 21.40 12.54 -1.47
N ASN F 53 21.39 13.32 -2.53
CA ASN F 53 22.15 12.98 -3.72
C ASN F 53 23.60 12.64 -3.37
N ILE F 54 24.27 13.50 -2.61
CA ILE F 54 25.69 13.31 -2.25
C ILE F 54 25.86 12.04 -1.43
N ARG F 55 25.01 11.86 -0.44
CA ARG F 55 25.04 10.67 0.41
C ARG F 55 24.94 9.39 -0.45
N ILE F 56 24.00 9.42 -1.39
CA ILE F 56 23.79 8.28 -2.28
C ILE F 56 25.01 8.03 -3.18
N VAL F 57 25.52 9.08 -3.81
CA VAL F 57 26.64 8.92 -4.75
C VAL F 57 27.92 8.53 -4.03
N ASN F 58 28.20 9.15 -2.88
CA ASN F 58 29.31 8.74 -2.05
C ASN F 58 29.15 7.26 -1.72
N GLY F 59 27.99 6.90 -1.18
CA GLY F 59 27.68 5.52 -0.83
C GLY F 59 27.81 4.51 -1.97
N LEU F 60 27.56 4.96 -3.20
CA LEU F 60 27.70 4.09 -4.39
C LEU F 60 29.17 3.83 -4.77
N GLN F 61 30.04 4.79 -4.46
CA GLN F 61 31.50 4.64 -4.69
C GLN F 61 32.28 4.21 -3.43
N ASN F 62 31.58 4.14 -2.29
CA ASN F 62 32.14 3.67 -1.00
C ASN F 62 31.93 2.16 -0.85
N THR F 63 30.70 1.72 -1.09
CA THR F 63 30.33 0.31 -0.89
N ALA G 5 -24.15 -13.32 13.87
CA ALA G 5 -25.24 -12.39 13.46
C ALA G 5 -24.68 -11.14 12.75
N THR G 6 -24.10 -10.21 13.52
CA THR G 6 -23.59 -8.93 12.99
C THR G 6 -22.07 -8.92 12.72
N GLU G 7 -21.35 -9.90 13.28
CA GLU G 7 -19.91 -10.04 13.04
C GLU G 7 -19.61 -10.39 11.57
N LEU G 8 -20.54 -11.12 10.94
CA LEU G 8 -20.45 -11.43 9.51
C LEU G 8 -20.32 -10.18 8.66
N VAL G 9 -21.22 -9.22 8.89
CA VAL G 9 -21.26 -7.94 8.14
C VAL G 9 -19.91 -7.26 8.16
N ASN G 10 -19.27 -7.26 9.32
CA ASN G 10 -17.96 -6.62 9.47
C ASN G 10 -16.83 -7.31 8.71
N LYS G 11 -16.87 -8.64 8.67
CA LYS G 11 -15.86 -9.44 7.98
C LYS G 11 -15.94 -9.32 6.47
N ILE G 12 -17.17 -9.30 5.95
CA ILE G 12 -17.35 -9.04 4.52
C ILE G 12 -16.80 -7.65 4.19
N SER G 13 -17.20 -6.67 5.00
CA SER G 13 -16.74 -5.29 4.85
C SER G 13 -15.23 -5.20 4.82
N GLU G 14 -14.57 -5.88 5.75
CA GLU G 14 -13.11 -5.91 5.74
C GLU G 14 -12.57 -6.53 4.46
N ASN G 15 -13.07 -7.72 4.14
CA ASN G 15 -12.61 -8.43 2.97
C ASN G 15 -12.79 -7.62 1.70
N CYS G 16 -13.97 -7.07 1.53
CA CYS G 16 -14.29 -6.31 0.34
C CYS G 16 -13.62 -4.93 0.33
N PHE G 17 -13.40 -4.36 1.51
CA PHE G 17 -12.64 -3.12 1.61
C PHE G 17 -11.21 -3.32 1.08
N GLU G 18 -10.56 -4.39 1.54
CA GLU G 18 -9.20 -4.71 1.09
C GLU G 18 -9.09 -4.92 -0.44
N LYS G 19 -10.11 -5.48 -1.08
CA LYS G 19 -10.02 -5.83 -2.51
C LYS G 19 -10.56 -4.82 -3.49
N CYS G 20 -11.36 -3.88 -3.02
CA CYS G 20 -11.98 -2.90 -3.91
C CYS G 20 -11.44 -1.47 -3.78
N LEU G 21 -10.78 -1.17 -2.67
CA LEU G 21 -10.33 0.18 -2.35
C LEU G 21 -8.86 0.22 -1.94
N THR G 22 -8.09 1.17 -2.49
CA THR G 22 -6.67 1.36 -2.13
C THR G 22 -6.31 2.86 -1.98
N SER G 23 -5.46 3.17 -0.98
CA SER G 23 -5.02 4.52 -0.70
C SER G 23 -4.76 5.30 -1.99
N PRO G 24 -5.15 6.59 -2.05
CA PRO G 24 -5.67 7.46 -0.99
C PRO G 24 -7.13 7.25 -0.50
N TYR G 25 -7.81 6.19 -0.95
CA TYR G 25 -9.22 5.99 -0.63
C TYR G 25 -10.02 7.20 -1.10
N ALA G 26 -9.61 7.71 -2.25
CA ALA G 26 -10.20 8.90 -2.84
C ALA G 26 -11.57 8.59 -3.41
N THR G 27 -11.60 7.66 -4.39
CA THR G 27 -12.83 7.32 -5.11
C THR G 27 -13.60 6.16 -4.48
N ARG G 28 -14.91 6.20 -4.69
CA ARG G 28 -15.88 5.33 -4.03
C ARG G 28 -16.40 4.31 -5.02
N ASN G 29 -15.94 3.07 -4.86
CA ASN G 29 -16.09 2.03 -5.88
C ASN G 29 -17.25 1.04 -5.65
N ASP G 30 -18.48 1.56 -5.74
CA ASP G 30 -19.69 0.78 -5.45
C ASP G 30 -19.90 -0.50 -6.29
N ALA G 31 -19.50 -0.46 -7.56
CA ALA G 31 -19.67 -1.62 -8.45
C ALA G 31 -18.86 -2.84 -7.98
N CYS G 32 -17.65 -2.57 -7.53
CA CYS G 32 -16.77 -3.61 -7.03
C CYS G 32 -17.29 -4.23 -5.73
N ILE G 33 -17.85 -3.43 -4.86
CA ILE G 33 -18.35 -3.93 -3.57
C ILE G 33 -19.48 -4.90 -3.80
N ASP G 34 -20.40 -4.52 -4.66
CA ASP G 34 -21.56 -5.35 -4.98
C ASP G 34 -21.13 -6.73 -5.47
N GLN G 35 -20.19 -6.72 -6.41
CA GLN G 35 -19.65 -7.95 -6.93
C GLN G 35 -19.02 -8.75 -5.84
N CYS G 36 -18.15 -8.09 -5.07
CA CYS G 36 -17.44 -8.72 -3.96
C CYS G 36 -18.40 -9.36 -2.93
N LEU G 37 -19.46 -8.65 -2.58
CA LEU G 37 -20.53 -9.20 -1.76
C LEU G 37 -21.11 -10.47 -2.40
N ALA G 38 -21.58 -10.36 -3.64
CA ALA G 38 -22.14 -11.52 -4.35
C ALA G 38 -21.16 -12.70 -4.32
N LYS G 39 -19.94 -12.43 -4.75
CA LYS G 39 -18.86 -13.43 -4.76
C LYS G 39 -18.62 -14.01 -3.39
N TYR G 40 -18.74 -13.18 -2.34
CA TYR G 40 -18.58 -13.65 -0.96
C TYR G 40 -19.67 -14.66 -0.58
N MET G 41 -20.93 -14.36 -0.88
CA MET G 41 -22.05 -15.26 -0.49
C MET G 41 -22.05 -16.59 -1.23
N ARG G 42 -21.62 -16.57 -2.48
CA ARG G 42 -21.36 -17.79 -3.23
C ARG G 42 -20.25 -18.62 -2.58
N SER G 43 -19.25 -17.96 -2.04
CA SER G 43 -18.14 -18.65 -1.39
C SER G 43 -18.61 -19.35 -0.12
N TRP G 44 -19.48 -18.68 0.60
CA TRP G 44 -20.05 -19.17 1.82
C TRP G 44 -20.79 -20.45 1.57
N ASN G 45 -21.62 -20.43 0.53
CA ASN G 45 -22.43 -21.60 0.16
C ASN G 45 -21.58 -22.83 -0.13
N VAL G 46 -20.51 -22.62 -0.89
CA VAL G 46 -19.59 -23.69 -1.28
C VAL G 46 -18.86 -24.28 -0.10
N ILE G 47 -18.47 -23.42 0.84
CA ILE G 47 -17.76 -23.88 2.03
C ILE G 47 -18.68 -24.66 2.94
N SER G 48 -19.89 -24.16 3.15
CA SER G 48 -20.86 -24.86 4.03
C SER G 48 -21.21 -26.21 3.46
N LYS G 49 -21.29 -26.26 2.14
CA LYS G 49 -21.57 -27.51 1.47
C LYS G 49 -20.42 -28.49 1.68
N ALA G 50 -19.21 -28.03 1.39
CA ALA G 50 -18.03 -28.86 1.59
C ALA G 50 -17.96 -29.34 3.04
N TYR G 51 -18.21 -28.42 3.95
CA TYR G 51 -18.14 -28.67 5.40
C TYR G 51 -19.08 -29.74 5.87
N ILE G 52 -20.36 -29.59 5.52
CA ILE G 52 -21.42 -30.53 5.94
C ILE G 52 -21.27 -31.92 5.33
N SER G 53 -20.85 -31.96 4.09
CA SER G 53 -20.55 -33.24 3.42
C SER G 53 -19.39 -33.95 4.06
N ARG G 54 -18.58 -33.24 4.85
CA ARG G 54 -17.34 -33.78 5.40
C ARG G 54 -17.50 -34.29 6.82
N ILE G 55 -18.69 -34.13 7.37
CA ILE G 55 -18.99 -34.66 8.68
C ILE G 55 -19.89 -35.86 8.41
N GLN G 56 -19.37 -36.72 7.53
CA GLN G 56 -20.04 -37.89 6.94
C GLN G 56 -21.54 -37.94 7.21
N SER H 6 -25.66 -28.66 18.31
CA SER H 6 -24.47 -28.36 17.44
C SER H 6 -24.82 -27.56 16.17
N LYS H 7 -25.96 -26.86 16.18
CA LYS H 7 -26.47 -26.12 15.01
C LYS H 7 -25.97 -24.67 14.92
N GLN H 8 -25.45 -24.13 16.02
CA GLN H 8 -24.91 -22.76 16.05
C GLN H 8 -23.39 -22.77 15.87
N LYS H 9 -22.76 -23.87 16.29
CA LYS H 9 -21.33 -24.08 16.09
C LYS H 9 -21.05 -24.23 14.61
N VAL H 10 -21.97 -24.90 13.92
CA VAL H 10 -21.86 -25.13 12.48
C VAL H 10 -21.77 -23.80 11.77
N GLN H 11 -22.61 -22.85 12.17
CA GLN H 11 -22.62 -21.53 11.54
C GLN H 11 -21.29 -20.82 11.74
N MET H 12 -20.80 -20.79 12.98
CA MET H 12 -19.58 -20.05 13.29
C MET H 12 -18.31 -20.60 12.61
N SER H 13 -18.13 -21.92 12.56
CA SER H 13 -16.93 -22.47 11.90
C SER H 13 -16.98 -22.06 10.44
N ILE H 14 -18.14 -22.27 9.83
CA ILE H 14 -18.36 -21.88 8.44
C ILE H 14 -18.04 -20.40 8.19
N HIS H 15 -18.38 -19.54 9.15
CA HIS H 15 -18.02 -18.11 9.07
C HIS H 15 -16.53 -17.99 9.04
N GLN H 16 -15.89 -18.61 10.01
CA GLN H 16 -14.47 -18.46 10.12
C GLN H 16 -13.75 -19.01 8.92
N PHE H 17 -14.12 -20.21 8.48
CA PHE H 17 -13.46 -20.84 7.32
C PHE H 17 -13.65 -20.00 6.08
N THR H 18 -14.87 -19.49 5.91
CA THR H 18 -15.18 -18.67 4.77
C THR H 18 -14.26 -17.45 4.78
N ASN H 19 -14.15 -16.83 5.95
CA ASN H 19 -13.30 -15.66 6.09
C ASN H 19 -11.85 -15.94 5.72
N ILE H 20 -11.31 -17.09 6.14
CA ILE H 20 -9.92 -17.41 5.82
C ILE H 20 -9.78 -17.75 4.35
N CYS H 21 -10.64 -18.64 3.88
CA CYS H 21 -10.51 -19.16 2.52
C CYS H 21 -10.84 -18.14 1.46
N PHE H 22 -11.82 -17.30 1.71
CA PHE H 22 -12.20 -16.28 0.74
C PHE H 22 -11.03 -15.40 0.36
N LYS H 23 -10.30 -14.93 1.37
CA LYS H 23 -9.06 -14.17 1.17
C LYS H 23 -8.05 -14.89 0.27
N LYS H 24 -7.82 -16.17 0.57
CA LYS H 24 -6.81 -16.97 -0.11
C LYS H 24 -7.19 -17.42 -1.51
N CYS H 25 -8.48 -17.62 -1.78
CA CYS H 25 -8.95 -18.13 -3.10
C CYS H 25 -9.61 -17.12 -4.05
N VAL H 26 -10.25 -16.11 -3.48
CA VAL H 26 -10.83 -15.04 -4.29
C VAL H 26 -9.75 -13.98 -4.39
N GLU H 27 -8.92 -14.15 -5.41
CA GLU H 27 -7.76 -13.28 -5.63
C GLU H 27 -8.18 -11.87 -6.02
N SER H 28 -9.27 -11.77 -6.79
CA SER H 28 -9.78 -10.50 -7.28
C SER H 28 -11.27 -10.61 -7.61
N VAL H 29 -11.88 -9.47 -7.88
CA VAL H 29 -13.33 -9.36 -8.11
C VAL H 29 -13.56 -8.55 -9.38
N ASN H 30 -13.86 -9.22 -10.49
CA ASN H 30 -14.13 -8.54 -11.78
C ASN H 30 -15.46 -8.91 -12.44
N ASP H 31 -15.96 -10.12 -12.15
CA ASP H 31 -17.33 -10.52 -12.43
C ASP H 31 -17.98 -10.81 -11.08
N SER H 32 -19.29 -11.06 -11.06
CA SER H 32 -19.98 -11.42 -9.82
C SER H 32 -19.92 -12.92 -9.56
N ASN H 33 -19.22 -13.62 -10.43
CA ASN H 33 -19.32 -15.04 -10.58
C ASN H 33 -18.07 -15.77 -10.14
N LEU H 34 -18.27 -16.92 -9.49
CA LEU H 34 -17.17 -17.77 -9.12
C LEU H 34 -16.77 -18.56 -10.36
N SER H 35 -15.49 -18.65 -10.66
CA SER H 35 -15.01 -19.51 -11.71
C SER H 35 -14.83 -20.91 -11.12
N SER H 36 -14.72 -21.91 -11.97
CA SER H 36 -14.49 -23.28 -11.50
C SER H 36 -13.15 -23.35 -10.77
N GLN H 37 -12.17 -22.58 -11.23
CA GLN H 37 -10.85 -22.54 -10.58
C GLN H 37 -10.99 -22.15 -9.09
N GLU H 38 -11.64 -21.00 -8.84
CA GLU H 38 -11.85 -20.49 -7.47
C GLU H 38 -12.89 -21.27 -6.66
N GLU H 39 -13.74 -22.05 -7.32
CA GLU H 39 -14.71 -22.84 -6.60
C GLU H 39 -14.08 -24.11 -5.98
N GLN H 40 -13.12 -24.67 -6.70
CA GLN H 40 -12.42 -25.88 -6.29
C GLN H 40 -11.35 -25.54 -5.24
N CYS H 41 -10.71 -24.38 -5.42
CA CYS H 41 -9.78 -23.82 -4.44
C CYS H 41 -10.50 -23.67 -3.09
N LEU H 42 -11.70 -23.15 -3.17
CA LEU H 42 -12.55 -22.92 -2.01
C LEU H 42 -12.85 -24.20 -1.20
N SER H 43 -13.17 -25.28 -1.90
CA SER H 43 -13.55 -26.54 -1.22
C SER H 43 -12.35 -27.35 -0.77
N ASN H 44 -11.31 -27.37 -1.61
CA ASN H 44 -9.98 -27.86 -1.17
C ASN H 44 -9.51 -27.15 0.12
N CYS H 45 -9.54 -25.81 0.12
CA CYS H 45 -9.11 -24.99 1.26
C CYS H 45 -9.74 -25.46 2.59
N VAL H 46 -11.06 -25.58 2.62
CA VAL H 46 -11.79 -26.08 3.80
C VAL H 46 -11.30 -27.46 4.23
N ASN H 47 -11.18 -28.38 3.27
CA ASN H 47 -10.81 -29.78 3.54
C ASN H 47 -9.40 -29.89 4.09
N ARG H 48 -8.49 -29.23 3.39
CA ARG H 48 -7.10 -29.10 3.77
C ARG H 48 -6.96 -28.49 5.18
N PHE H 49 -7.81 -27.52 5.48
CA PHE H 49 -7.80 -26.91 6.79
C PHE H 49 -8.23 -27.88 7.90
N LEU H 50 -9.29 -28.64 7.64
CA LEU H 50 -9.76 -29.68 8.57
C LEU H 50 -8.72 -30.74 8.82
N ASP H 51 -8.09 -31.20 7.73
CA ASP H 51 -7.00 -32.19 7.78
C ASP H 51 -5.88 -31.70 8.70
N THR H 52 -5.53 -30.42 8.58
CA THR H 52 -4.51 -29.79 9.42
C THR H 52 -4.91 -29.87 10.89
N ASN H 53 -6.12 -29.42 11.22
CA ASN H 53 -6.59 -29.48 12.59
C ASN H 53 -6.36 -30.86 13.21
N ILE H 54 -6.76 -31.91 12.49
CA ILE H 54 -6.65 -33.29 13.00
C ILE H 54 -5.18 -33.65 13.22
N ARG H 55 -4.37 -33.36 12.23
CA ARG H 55 -2.94 -33.63 12.32
C ARG H 55 -2.31 -32.95 13.54
N ILE H 56 -2.69 -31.69 13.77
CA ILE H 56 -2.22 -30.92 14.91
C ILE H 56 -2.69 -31.54 16.24
N VAL H 57 -3.98 -31.82 16.35
CA VAL H 57 -4.52 -32.33 17.60
C VAL H 57 -3.99 -33.74 17.90
N ASN H 58 -3.95 -34.59 16.89
CA ASN H 58 -3.36 -35.91 17.07
C ASN H 58 -1.94 -35.73 17.57
N GLY H 59 -1.16 -34.92 16.84
CA GLY H 59 0.23 -34.62 17.20
C GLY H 59 0.46 -34.06 18.60
N LEU H 60 -0.53 -33.32 19.11
CA LEU H 60 -0.44 -32.77 20.47
C LEU H 60 -0.64 -33.84 21.56
N GLN H 61 -1.37 -34.91 21.26
CA GLN H 61 -1.60 -35.99 22.23
C GLN H 61 -0.46 -37.02 22.20
N ASN H 62 -0.08 -37.43 20.99
CA ASN H 62 1.02 -38.40 20.79
C ASN H 62 2.30 -38.00 21.52
N THR H 63 2.33 -36.73 21.95
CA THR H 63 3.39 -36.16 22.79
C THR H 63 4.58 -35.74 21.93
N ALA I 5 -2.47 -3.12 29.08
CA ALA I 5 -3.69 -2.30 29.42
C ALA I 5 -4.85 -2.62 28.46
N THR I 6 -5.80 -1.69 28.36
CA THR I 6 -6.93 -1.83 27.42
C THR I 6 -6.42 -2.19 26.00
N GLU I 7 -7.23 -2.97 25.27
CA GLU I 7 -6.87 -3.46 23.91
C GLU I 7 -6.13 -2.44 23.05
N LEU I 8 -6.33 -1.16 23.37
CA LEU I 8 -5.69 -0.07 22.65
C LEU I 8 -4.16 -0.15 22.71
N VAL I 9 -3.63 -0.22 23.94
CA VAL I 9 -2.18 -0.30 24.17
C VAL I 9 -1.54 -1.37 23.27
N ASN I 10 -2.17 -2.54 23.23
CA ASN I 10 -1.64 -3.66 22.46
C ASN I 10 -1.66 -3.42 20.95
N LYS I 11 -2.69 -2.72 20.48
CA LYS I 11 -2.81 -2.45 19.04
C LYS I 11 -1.84 -1.41 18.54
N ILE I 12 -1.59 -0.39 19.35
CA ILE I 12 -0.55 0.58 19.04
C ILE I 12 0.79 -0.15 19.02
N SER I 13 1.05 -0.92 20.06
CA SER I 13 2.29 -1.72 20.18
C SER I 13 2.53 -2.54 18.93
N GLU I 14 1.50 -3.24 18.47
CA GLU I 14 1.60 -4.03 17.26
C GLU I 14 1.91 -3.17 16.06
N ASN I 15 1.12 -2.14 15.87
CA ASN I 15 1.31 -1.25 14.73
C ASN I 15 2.70 -0.64 14.73
N CYS I 16 3.11 -0.08 15.85
CA CYS I 16 4.41 0.55 15.95
C CYS I 16 5.57 -0.46 15.90
N PHE I 17 5.37 -1.66 16.44
CA PHE I 17 6.36 -2.73 16.34
C PHE I 17 6.65 -3.06 14.86
N GLU I 18 5.59 -3.25 14.09
CA GLU I 18 5.73 -3.51 12.65
C GLU I 18 6.50 -2.41 11.88
N LYS I 19 6.33 -1.15 12.24
CA LYS I 19 6.93 -0.03 11.47
C LYS I 19 8.28 0.48 11.94
N CYS I 20 8.65 0.15 13.17
CA CYS I 20 9.91 0.65 13.74
C CYS I 20 10.99 -0.42 13.94
N LEU I 21 10.60 -1.69 13.94
CA LEU I 21 11.53 -2.78 14.22
C LEU I 21 11.44 -3.91 13.24
N THR I 22 12.56 -4.64 13.19
CA THR I 22 12.82 -5.64 12.19
C THR I 22 13.58 -6.81 12.81
N SER I 23 13.43 -7.98 12.18
CA SER I 23 14.29 -9.12 12.47
C SER I 23 15.73 -8.70 12.20
N PRO I 24 16.69 -9.15 13.06
CA PRO I 24 16.62 -10.10 14.17
C PRO I 24 16.21 -9.52 15.53
N TYR I 25 15.86 -8.24 15.55
CA TYR I 25 15.31 -7.55 16.72
C TYR I 25 16.27 -7.34 17.89
N ALA I 26 17.54 -7.07 17.61
CA ALA I 26 18.53 -6.82 18.67
C ALA I 26 18.72 -5.33 18.92
N THR I 27 18.54 -4.54 17.87
CA THR I 27 18.69 -3.07 17.97
C THR I 27 17.33 -2.39 18.17
N ARG I 28 17.24 -1.67 19.27
CA ARG I 28 16.05 -1.00 19.73
C ARG I 28 15.98 0.37 19.04
N ASN I 29 14.78 0.94 18.91
CA ASN I 29 14.57 2.16 18.12
C ASN I 29 13.49 3.05 18.71
N ASP I 30 13.70 3.47 19.94
CA ASP I 30 12.69 4.25 20.69
C ASP I 30 12.31 5.58 20.12
N ALA I 31 13.25 6.23 19.44
CA ALA I 31 12.94 7.49 18.79
C ALA I 31 11.78 7.27 17.80
N CYS I 32 11.84 6.13 17.12
CA CYS I 32 10.79 5.78 16.17
C CYS I 32 9.45 5.43 16.85
N ILE I 33 9.50 4.73 17.98
CA ILE I 33 8.30 4.34 18.71
C ILE I 33 7.55 5.57 19.20
N ASP I 34 8.28 6.50 19.79
CA ASP I 34 7.70 7.76 20.30
C ASP I 34 6.98 8.51 19.19
N GLN I 35 7.63 8.64 18.05
CA GLN I 35 7.02 9.29 16.91
C GLN I 35 5.76 8.55 16.53
N CYS I 36 5.92 7.24 16.35
CA CYS I 36 4.83 6.37 15.93
C CYS I 36 3.63 6.49 16.86
N LEU I 37 3.88 6.51 18.17
CA LEU I 37 2.83 6.75 19.17
C LEU I 37 2.14 8.10 18.93
N ALA I 38 2.92 9.16 18.85
CA ALA I 38 2.39 10.50 18.58
C ALA I 38 1.53 10.49 17.32
N LYS I 39 2.11 9.99 16.25
CA LYS I 39 1.44 9.89 14.96
C LYS I 39 0.15 9.07 15.08
N TYR I 40 0.18 8.03 15.91
CA TYR I 40 -0.99 7.18 16.11
C TYR I 40 -2.14 7.97 16.76
N MET I 41 -1.86 8.74 17.80
CA MET I 41 -2.90 9.47 18.54
C MET I 41 -3.51 10.60 17.69
N ARG I 42 -2.70 11.27 16.88
CA ARG I 42 -3.20 12.22 15.91
C ARG I 42 -4.14 11.55 14.93
N SER I 43 -3.84 10.31 14.57
CA SER I 43 -4.68 9.59 13.61
C SER I 43 -6.02 9.30 14.22
N TRP I 44 -6.02 8.95 15.49
CA TRP I 44 -7.21 8.62 16.27
C TRP I 44 -8.17 9.80 16.30
N ASN I 45 -7.59 10.97 16.59
CA ASN I 45 -8.36 12.20 16.66
C ASN I 45 -9.08 12.46 15.35
N VAL I 46 -8.34 12.36 14.24
CA VAL I 46 -8.88 12.62 12.89
C VAL I 46 -10.01 11.67 12.52
N ILE I 47 -9.85 10.40 12.89
CA ILE I 47 -10.85 9.39 12.60
C ILE I 47 -12.10 9.59 13.44
N SER I 48 -11.94 9.87 14.74
CA SER I 48 -13.10 10.13 15.60
C SER I 48 -13.87 11.36 15.15
N LYS I 49 -13.13 12.36 14.68
CA LYS I 49 -13.75 13.57 14.16
C LYS I 49 -14.53 13.25 12.90
N ALA I 50 -13.89 12.56 11.95
CA ALA I 50 -14.56 12.17 10.71
C ALA I 50 -15.80 11.33 11.01
N TYR I 51 -15.65 10.40 11.94
CA TYR I 51 -16.71 9.49 12.35
C TYR I 51 -17.92 10.19 12.95
N ILE I 52 -17.70 11.06 13.92
CA ILE I 52 -18.80 11.76 14.57
C ILE I 52 -19.52 12.72 13.65
N SER I 53 -18.78 13.39 12.77
CA SER I 53 -19.37 14.29 11.79
C SER I 53 -20.28 13.55 10.82
N ARG I 54 -20.44 12.24 11.04
CA ARG I 54 -21.21 11.40 10.15
C ARG I 54 -22.23 10.51 10.87
N ILE I 55 -22.41 10.67 12.19
CA ILE I 55 -23.43 9.90 12.93
C ILE I 55 -24.77 10.64 13.00
N GLN I 56 -25.05 11.39 11.92
CA GLN I 56 -26.36 11.98 11.65
C GLN I 56 -26.94 11.34 10.39
N ASN I 57 -26.10 10.56 9.68
CA ASN I 57 -26.45 9.98 8.39
C ASN I 57 -26.03 8.50 8.29
N ALA I 58 -26.48 7.71 9.27
CA ALA I 58 -26.23 6.26 9.31
C ALA I 58 -27.21 5.51 8.39
N SER J 6 -24.73 4.21 24.34
CA SER J 6 -23.64 3.62 23.50
C SER J 6 -22.36 4.45 23.55
N LYS J 7 -22.08 5.02 24.72
CA LYS J 7 -20.88 5.84 24.94
C LYS J 7 -19.56 5.06 24.78
N GLN J 8 -19.61 3.75 25.04
CA GLN J 8 -18.41 2.88 24.98
C GLN J 8 -18.22 2.23 23.60
N LYS J 9 -19.33 2.06 22.88
CA LYS J 9 -19.32 1.42 21.57
C LYS J 9 -18.66 2.33 20.55
N VAL J 10 -18.83 3.65 20.74
CA VAL J 10 -18.21 4.63 19.87
C VAL J 10 -16.70 4.48 19.94
N GLN J 11 -16.18 4.42 21.17
CA GLN J 11 -14.74 4.32 21.43
C GLN J 11 -14.16 3.17 20.65
N MET J 12 -14.81 2.01 20.75
CA MET J 12 -14.32 0.78 20.14
C MET J 12 -14.32 0.80 18.62
N SER J 13 -15.33 1.41 17.99
CA SER J 13 -15.31 1.47 16.52
C SER J 13 -14.11 2.30 16.13
N ILE J 14 -13.98 3.46 16.78
CA ILE J 14 -12.83 4.36 16.53
C ILE J 14 -11.51 3.63 16.69
N HIS J 15 -11.41 2.76 17.71
CA HIS J 15 -10.21 1.95 17.92
C HIS J 15 -9.97 1.08 16.71
N GLN J 16 -11.00 0.36 16.36
CA GLN J 16 -10.95 -0.56 15.28
C GLN J 16 -10.67 0.10 13.92
N PHE J 17 -11.29 1.22 13.62
CA PHE J 17 -11.06 1.96 12.38
C PHE J 17 -9.65 2.52 12.34
N THR J 18 -9.23 3.06 13.47
CA THR J 18 -7.90 3.61 13.59
C THR J 18 -6.89 2.53 13.24
N ASN J 19 -7.08 1.37 13.86
CA ASN J 19 -6.18 0.24 13.63
C ASN J 19 -6.11 -0.14 12.15
N ILE J 20 -7.25 -0.20 11.47
CA ILE J 20 -7.23 -0.61 10.07
C ILE J 20 -6.60 0.48 9.21
N CYS J 21 -7.10 1.71 9.39
CA CYS J 21 -6.68 2.84 8.53
C CYS J 21 -5.22 3.29 8.75
N PHE J 22 -4.78 3.25 10.01
CA PHE J 22 -3.41 3.63 10.34
C PHE J 22 -2.43 2.81 9.51
N LYS J 23 -2.60 1.49 9.51
CA LYS J 23 -1.79 0.59 8.66
C LYS J 23 -1.77 1.04 7.19
N LYS J 24 -2.96 1.32 6.65
CA LYS J 24 -3.11 1.58 5.23
C LYS J 24 -2.63 2.95 4.76
N CYS J 25 -2.70 3.94 5.67
CA CYS J 25 -2.34 5.32 5.31
C CYS J 25 -0.97 5.82 5.79
N VAL J 26 -0.41 5.23 6.84
CA VAL J 26 0.85 5.73 7.41
C VAL J 26 2.03 4.86 6.96
N GLU J 27 2.47 5.15 5.74
CA GLU J 27 3.55 4.46 5.05
C GLU J 27 4.82 4.34 5.90
N SER J 28 5.25 5.46 6.46
CA SER J 28 6.48 5.48 7.26
C SER J 28 6.45 6.56 8.39
N VAL J 29 7.20 6.27 9.46
CA VAL J 29 7.32 7.11 10.61
C VAL J 29 8.72 7.69 10.61
N ASN J 30 8.89 8.94 10.22
CA ASN J 30 10.17 9.60 10.44
C ASN J 30 10.04 10.97 11.12
N ASP J 31 8.82 11.31 11.53
CA ASP J 31 8.48 12.53 12.28
C ASP J 31 7.21 12.30 13.11
N SER J 32 6.79 13.29 13.88
CA SER J 32 5.66 13.12 14.80
C SER J 32 4.36 13.71 14.19
N ASN J 33 4.51 14.58 13.20
CA ASN J 33 3.36 15.17 12.52
C ASN J 33 2.76 14.23 11.47
N LEU J 34 1.43 14.21 11.38
CA LEU J 34 0.71 13.62 10.26
C LEU J 34 0.78 14.68 9.18
N SER J 35 1.32 14.36 8.02
CA SER J 35 1.38 15.31 6.91
C SER J 35 -0.02 15.63 6.41
N SER J 36 -0.17 16.63 5.55
CA SER J 36 -1.47 16.94 4.96
C SER J 36 -2.02 15.69 4.29
N GLN J 37 -1.26 15.18 3.31
CA GLN J 37 -1.60 13.98 2.52
C GLN J 37 -2.17 12.83 3.40
N GLU J 38 -1.33 12.22 4.26
CA GLU J 38 -1.76 11.09 5.11
C GLU J 38 -2.93 11.44 6.05
N GLU J 39 -3.23 12.72 6.20
CA GLU J 39 -4.35 13.14 7.02
C GLU J 39 -5.67 12.96 6.27
N GLN J 40 -5.62 13.19 4.95
CA GLN J 40 -6.80 13.12 4.06
C GLN J 40 -7.09 11.65 3.73
N CYS J 41 -6.04 10.87 3.52
CA CYS J 41 -6.15 9.42 3.37
C CYS J 41 -6.88 8.85 4.60
N LEU J 42 -6.45 9.29 5.77
CA LEU J 42 -7.01 8.83 7.04
C LEU J 42 -8.54 9.06 7.16
N SER J 43 -9.02 10.23 6.73
CA SER J 43 -10.44 10.56 6.86
C SER J 43 -11.29 9.95 5.74
N ASN J 44 -10.77 9.98 4.52
CA ASN J 44 -11.32 9.20 3.41
C ASN J 44 -11.51 7.73 3.80
N CYS J 45 -10.43 7.12 4.29
CA CYS J 45 -10.46 5.71 4.71
C CYS J 45 -11.67 5.40 5.61
N VAL J 46 -11.85 6.16 6.69
CA VAL J 46 -13.00 5.98 7.59
C VAL J 46 -14.34 6.07 6.85
N ASN J 47 -14.48 7.11 6.01
CA ASN J 47 -15.74 7.38 5.28
C ASN J 47 -16.08 6.27 4.31
N ARG J 48 -15.09 5.95 3.49
CA ARG J 48 -15.15 4.88 2.54
C ARG J 48 -15.47 3.55 3.22
N PHE J 49 -14.95 3.34 4.43
CA PHE J 49 -15.25 2.13 5.18
C PHE J 49 -16.72 2.09 5.59
N LEU J 50 -17.23 3.21 6.10
CA LEU J 50 -18.64 3.32 6.51
C LEU J 50 -19.57 3.13 5.35
N ASP J 51 -19.21 3.71 4.20
CA ASP J 51 -19.96 3.55 2.95
C ASP J 51 -20.07 2.06 2.59
N THR J 52 -18.94 1.35 2.73
CA THR J 52 -18.90 -0.09 2.48
C THR J 52 -19.84 -0.87 3.37
N ASN J 53 -19.79 -0.63 4.69
CA ASN J 53 -20.71 -1.29 5.61
C ASN J 53 -22.16 -1.18 5.16
N ILE J 54 -22.59 0.04 4.82
CA ILE J 54 -23.99 0.29 4.42
C ILE J 54 -24.34 -0.48 3.14
N ARG J 55 -23.47 -0.37 2.15
CA ARG J 55 -23.64 -1.08 0.89
C ARG J 55 -23.81 -2.58 1.14
N ILE J 56 -22.95 -3.13 2.00
CA ILE J 56 -23.00 -4.55 2.34
C ILE J 56 -24.29 -4.93 3.05
N VAL J 57 -24.68 -4.15 4.07
CA VAL J 57 -25.88 -4.48 4.85
C VAL J 57 -27.15 -4.30 4.03
N ASN J 58 -27.22 -3.23 3.24
CA ASN J 58 -28.34 -3.04 2.33
C ASN J 58 -28.42 -4.25 1.42
N GLY J 59 -27.30 -4.57 0.78
CA GLY J 59 -27.20 -5.70 -0.13
C GLY J 59 -27.59 -7.05 0.48
N LEU J 60 -27.36 -7.20 1.79
CA LEU J 60 -27.72 -8.46 2.48
C LEU J 60 -29.24 -8.58 2.69
N GLN J 61 -29.97 -7.46 2.66
CA GLN J 61 -31.44 -7.48 2.73
C GLN J 61 -32.11 -7.15 1.37
N ASN J 62 -31.37 -7.32 0.28
CA ASN J 62 -31.88 -7.20 -1.09
C ASN J 62 -31.81 -8.56 -1.78
N ALA K 5 -5.86 -23.01 25.70
CA ALA K 5 -5.43 -24.43 25.62
C ALA K 5 -6.12 -25.16 24.47
N THR K 6 -7.20 -24.58 23.95
CA THR K 6 -7.97 -25.18 22.85
C THR K 6 -8.03 -24.27 21.59
N GLU K 7 -7.90 -22.95 21.79
CA GLU K 7 -7.81 -22.00 20.67
C GLU K 7 -6.44 -22.09 20.02
N LEU K 8 -5.44 -22.36 20.85
CA LEU K 8 -4.06 -22.61 20.42
C LEU K 8 -4.05 -23.46 19.14
N VAL K 9 -4.77 -24.57 19.19
CA VAL K 9 -4.85 -25.50 18.07
C VAL K 9 -5.12 -24.76 16.77
N ASN K 10 -6.06 -23.83 16.81
CA ASN K 10 -6.47 -23.07 15.62
C ASN K 10 -5.38 -22.13 15.10
N LYS K 11 -4.61 -21.56 16.02
CA LYS K 11 -3.54 -20.65 15.63
C LYS K 11 -2.34 -21.35 15.02
N ILE K 12 -2.02 -22.52 15.55
CA ILE K 12 -0.99 -23.34 14.94
C ILE K 12 -1.45 -23.75 13.53
N SER K 13 -2.68 -24.24 13.46
CA SER K 13 -3.30 -24.62 12.18
C SER K 13 -3.18 -23.52 11.15
N GLU K 14 -3.55 -22.30 11.52
CA GLU K 14 -3.43 -21.14 10.63
C GLU K 14 -1.99 -20.91 10.21
N ASN K 15 -1.11 -20.85 11.19
CA ASN K 15 0.29 -20.59 10.93
C ASN K 15 0.90 -21.64 10.01
N CYS K 16 0.64 -22.90 10.33
CA CYS K 16 1.18 -24.01 9.54
C CYS K 16 0.49 -24.19 8.19
N PHE K 17 -0.80 -23.84 8.13
CA PHE K 17 -1.51 -23.81 6.86
C PHE K 17 -0.83 -22.83 5.90
N GLU K 18 -0.60 -21.60 6.38
CA GLU K 18 0.04 -20.58 5.57
C GLU K 18 1.43 -21.00 5.01
N LYS K 19 2.22 -21.74 5.79
CA LYS K 19 3.61 -22.06 5.38
C LYS K 19 3.83 -23.38 4.65
N CYS K 20 2.86 -24.28 4.72
CA CYS K 20 3.01 -25.60 4.11
C CYS K 20 2.11 -25.86 2.90
N LEU K 21 1.09 -25.02 2.69
CA LEU K 21 0.12 -25.23 1.64
C LEU K 21 -0.14 -23.95 0.85
N THR K 22 -0.57 -24.13 -0.40
CA THR K 22 -0.81 -23.03 -1.33
C THR K 22 -1.97 -23.31 -2.29
N SER K 23 -2.72 -22.27 -2.60
CA SER K 23 -3.74 -22.30 -3.67
C SER K 23 -3.21 -23.01 -4.93
N PRO K 24 -4.01 -23.92 -5.53
CA PRO K 24 -5.41 -24.28 -5.27
C PRO K 24 -5.65 -25.34 -4.22
N TYR K 25 -4.64 -25.64 -3.41
CA TYR K 25 -4.75 -26.54 -2.24
C TYR K 25 -5.17 -27.96 -2.55
N ALA K 26 -4.73 -28.51 -3.68
CA ALA K 26 -5.07 -29.89 -4.04
C ALA K 26 -4.25 -30.90 -3.24
N THR K 27 -2.94 -30.68 -3.21
CA THR K 27 -1.99 -31.65 -2.63
C THR K 27 -1.80 -31.52 -1.12
N ARG K 28 -2.16 -32.61 -0.42
CA ARG K 28 -2.01 -32.75 1.02
C ARG K 28 -0.53 -32.90 1.33
N ASN K 29 -0.06 -32.29 2.43
CA ASN K 29 1.39 -32.21 2.75
C ASN K 29 1.68 -32.32 4.27
N ASP K 30 1.63 -33.55 4.73
CA ASP K 30 1.73 -33.90 6.11
C ASP K 30 3.15 -33.84 6.69
N ALA K 31 4.17 -34.02 5.87
CA ALA K 31 5.55 -33.94 6.35
C ALA K 31 5.88 -32.51 6.82
N CYS K 32 5.43 -31.54 6.06
CA CYS K 32 5.64 -30.16 6.39
C CYS K 32 4.86 -29.73 7.62
N ILE K 33 3.64 -30.21 7.78
CA ILE K 33 2.83 -29.84 8.95
C ILE K 33 3.49 -30.32 10.24
N ASP K 34 3.94 -31.57 10.23
CA ASP K 34 4.56 -32.19 11.40
C ASP K 34 5.77 -31.38 11.86
N GLN K 35 6.59 -30.99 10.89
CA GLN K 35 7.75 -30.18 11.15
C GLN K 35 7.29 -28.88 11.75
N CYS K 36 6.36 -28.25 11.05
CA CYS K 36 5.84 -26.93 11.45
C CYS K 36 5.27 -26.95 12.87
N LEU K 37 4.53 -28.00 13.21
CA LEU K 37 4.07 -28.22 14.58
C LEU K 37 5.25 -28.28 15.57
N ALA K 38 6.20 -29.18 15.30
CA ALA K 38 7.40 -29.34 16.12
C ALA K 38 8.10 -28.00 16.31
N LYS K 39 8.37 -27.33 15.19
CA LYS K 39 9.00 -26.01 15.18
C LYS K 39 8.20 -25.00 15.97
N TYR K 40 6.89 -25.11 15.91
CA TYR K 40 6.03 -24.17 16.64
C TYR K 40 6.17 -24.36 18.15
N MET K 41 6.17 -25.59 18.65
CA MET K 41 6.24 -25.84 20.10
C MET K 41 7.59 -25.47 20.69
N ARG K 42 8.66 -25.67 19.92
CA ARG K 42 9.98 -25.16 20.30
C ARG K 42 10.00 -23.65 20.40
N SER K 43 9.25 -22.98 19.55
CA SER K 43 9.19 -21.53 19.55
C SER K 43 8.52 -21.04 20.82
N TRP K 44 7.44 -21.74 21.18
CA TRP K 44 6.64 -21.48 22.38
C TRP K 44 7.50 -21.53 23.63
N ASN K 45 8.29 -22.59 23.73
CA ASN K 45 9.19 -22.79 24.86
C ASN K 45 10.16 -21.62 25.04
N VAL K 46 10.77 -21.20 23.92
CA VAL K 46 11.75 -20.11 23.91
C VAL K 46 11.14 -18.79 24.32
N ILE K 47 9.92 -18.55 23.84
CA ILE K 47 9.21 -17.32 24.16
C ILE K 47 8.81 -17.29 25.62
N SER K 48 8.23 -18.38 26.13
CA SER K 48 7.84 -18.46 27.55
C SER K 48 9.04 -18.33 28.50
N LYS K 49 10.16 -18.88 28.06
CA LYS K 49 11.40 -18.72 28.80
C LYS K 49 11.84 -17.26 28.81
N ALA K 50 11.90 -16.64 27.64
CA ALA K 50 12.32 -15.24 27.55
C ALA K 50 11.39 -14.36 28.38
N TYR K 51 10.09 -14.65 28.26
CA TYR K 51 9.04 -13.90 28.94
C TYR K 51 9.15 -13.95 30.48
N ILE K 52 9.27 -15.15 31.02
CA ILE K 52 9.38 -15.32 32.48
C ILE K 52 10.65 -14.74 33.08
N SER K 53 11.77 -14.87 32.36
CA SER K 53 13.05 -14.28 32.78
C SER K 53 13.01 -12.77 32.77
N ARG K 54 12.01 -12.20 32.13
CA ARG K 54 11.93 -10.77 31.94
C ARG K 54 11.08 -10.15 33.04
N ILE K 55 10.13 -10.91 33.58
CA ILE K 55 9.34 -10.42 34.72
C ILE K 55 10.13 -10.61 36.03
N GLN K 56 11.36 -10.08 36.00
CA GLN K 56 12.31 -10.15 37.10
C GLN K 56 12.52 -11.58 37.60
N SER L 6 -0.91 -14.86 39.01
CA SER L 6 -1.75 -15.21 37.83
C SER L 6 -1.05 -16.25 36.93
N LYS L 7 -1.32 -17.53 37.22
CA LYS L 7 -0.81 -18.66 36.43
C LYS L 7 -1.52 -18.82 35.07
N GLN L 8 -2.65 -18.12 34.92
CA GLN L 8 -3.49 -18.15 33.71
C GLN L 8 -3.17 -16.98 32.75
N LYS L 9 -2.79 -15.83 33.32
CA LYS L 9 -2.42 -14.65 32.53
C LYS L 9 -0.99 -14.77 31.96
N VAL L 10 -0.25 -15.78 32.43
CA VAL L 10 1.07 -16.09 31.88
C VAL L 10 0.91 -16.75 30.52
N GLN L 11 0.02 -17.73 30.43
CA GLN L 11 -0.19 -18.49 29.21
C GLN L 11 -0.70 -17.58 28.10
N MET L 12 -1.88 -16.99 28.32
CA MET L 12 -2.52 -16.09 27.36
C MET L 12 -1.54 -15.26 26.52
N SER L 13 -0.62 -14.59 27.23
CA SER L 13 0.33 -13.67 26.59
C SER L 13 1.32 -14.49 25.76
N ILE L 14 1.86 -15.54 26.38
CA ILE L 14 2.78 -16.43 25.68
C ILE L 14 2.20 -16.93 24.36
N HIS L 15 0.90 -17.25 24.36
CA HIS L 15 0.21 -17.69 23.14
C HIS L 15 0.26 -16.59 22.14
N GLN L 16 -0.12 -15.41 22.59
CA GLN L 16 -0.20 -14.30 21.66
C GLN L 16 1.17 -13.90 21.11
N PHE L 17 2.17 -13.80 21.98
CA PHE L 17 3.53 -13.44 21.57
C PHE L 17 4.06 -14.47 20.59
N THR L 18 3.86 -15.74 20.93
CA THR L 18 4.30 -16.83 20.10
C THR L 18 3.72 -16.65 18.72
N ASN L 19 2.42 -16.38 18.67
CA ASN L 19 1.75 -16.23 17.41
C ASN L 19 2.35 -15.11 16.59
N ILE L 20 2.62 -13.96 17.21
CA ILE L 20 3.14 -12.81 16.47
C ILE L 20 4.58 -13.09 16.02
N CYS L 21 5.40 -13.52 16.97
CA CYS L 21 6.84 -13.72 16.72
C CYS L 21 7.15 -14.88 15.78
N PHE L 22 6.37 -15.96 15.87
CA PHE L 22 6.59 -17.12 15.04
C PHE L 22 6.50 -16.73 13.58
N LYS L 23 5.47 -15.97 13.23
CA LYS L 23 5.32 -15.42 11.86
C LYS L 23 6.56 -14.66 11.42
N LYS L 24 7.05 -13.79 12.30
CA LYS L 24 8.11 -12.85 11.94
C LYS L 24 9.49 -13.45 11.93
N CYS L 25 9.71 -14.49 12.72
CA CYS L 25 11.05 -15.12 12.81
C CYS L 25 11.24 -16.46 12.08
N VAL L 26 10.17 -17.21 11.84
CA VAL L 26 10.27 -18.45 11.06
C VAL L 26 9.83 -18.27 9.61
N GLU L 27 10.82 -18.16 8.73
CA GLU L 27 10.56 -17.95 7.32
C GLU L 27 10.17 -19.26 6.61
N SER L 28 10.72 -20.39 7.03
CA SER L 28 10.33 -21.67 6.43
C SER L 28 10.42 -22.85 7.37
N VAL L 29 9.72 -23.92 7.03
CA VAL L 29 9.71 -25.17 7.76
C VAL L 29 10.26 -26.26 6.83
N ASN L 30 11.55 -26.53 6.92
CA ASN L 30 12.17 -27.59 6.14
C ASN L 30 12.72 -28.68 7.05
N ASP L 31 12.77 -28.37 8.35
CA ASP L 31 13.14 -29.30 9.38
C ASP L 31 12.27 -29.06 10.64
N SER L 32 12.45 -29.94 11.61
CA SER L 32 11.72 -29.92 12.85
C SER L 32 12.44 -29.04 13.91
N ASN L 33 13.65 -28.58 13.58
CA ASN L 33 14.49 -27.84 14.52
C ASN L 33 14.41 -26.32 14.37
N LEU L 34 14.71 -25.60 15.46
CA LEU L 34 14.97 -24.15 15.38
C LEU L 34 16.46 -23.95 15.24
N SER L 35 16.87 -23.14 14.25
CA SER L 35 18.26 -22.71 14.12
C SER L 35 18.59 -21.66 15.17
N SER L 36 19.87 -21.38 15.34
CA SER L 36 20.34 -20.38 16.29
C SER L 36 19.84 -19.00 15.88
N GLN L 37 20.00 -18.70 14.59
CA GLN L 37 19.50 -17.48 13.95
C GLN L 37 18.04 -17.22 14.34
N GLU L 38 17.18 -18.19 14.11
CA GLU L 38 15.77 -18.04 14.45
C GLU L 38 15.44 -18.18 15.93
N GLU L 39 16.34 -18.72 16.73
CA GLU L 39 16.10 -18.85 18.17
C GLU L 39 16.33 -17.53 18.92
N GLN L 40 17.31 -16.77 18.42
CA GLN L 40 17.71 -15.49 18.99
C GLN L 40 16.72 -14.41 18.55
N CYS L 41 16.29 -14.48 17.28
CA CYS L 41 15.23 -13.62 16.73
C CYS L 41 13.98 -13.75 17.61
N LEU L 42 13.66 -14.98 17.93
CA LEU L 42 12.49 -15.33 18.73
C LEU L 42 12.50 -14.68 20.13
N SER L 43 13.65 -14.67 20.80
CA SER L 43 13.73 -14.13 22.17
C SER L 43 13.88 -12.60 22.17
N ASN L 44 14.68 -12.07 21.26
CA ASN L 44 14.70 -10.65 20.96
C ASN L 44 13.28 -10.10 20.68
N CYS L 45 12.56 -10.75 19.77
CA CYS L 45 11.20 -10.34 19.40
C CYS L 45 10.30 -10.15 20.63
N VAL L 46 10.24 -11.15 21.51
CA VAL L 46 9.48 -11.03 22.78
C VAL L 46 9.93 -9.84 23.63
N ASN L 47 11.24 -9.67 23.78
CA ASN L 47 11.81 -8.61 24.65
C ASN L 47 11.52 -7.24 24.11
N ARG L 48 11.82 -7.08 22.83
CA ARG L 48 11.51 -5.87 22.07
C ARG L 48 10.02 -5.53 22.15
N PHE L 49 9.18 -6.54 22.06
CA PHE L 49 7.73 -6.31 22.18
C PHE L 49 7.32 -5.78 23.56
N LEU L 50 7.88 -6.36 24.62
CA LEU L 50 7.62 -5.90 25.98
C LEU L 50 8.12 -4.48 26.21
N ASP L 51 9.32 -4.20 25.70
CA ASP L 51 9.88 -2.84 25.75
C ASP L 51 8.89 -1.83 25.12
N THR L 52 8.35 -2.19 23.95
CA THR L 52 7.37 -1.36 23.23
C THR L 52 6.15 -1.06 24.08
N ASN L 53 5.55 -2.10 24.64
CA ASN L 53 4.40 -1.92 25.54
C ASN L 53 4.67 -0.87 26.60
N ILE L 54 5.79 -0.98 27.30
CA ILE L 54 6.12 -0.03 28.40
C ILE L 54 6.26 1.38 27.85
N ARG L 55 7.01 1.53 26.77
CA ARG L 55 7.19 2.82 26.13
C ARG L 55 5.85 3.46 25.78
N ILE L 56 4.95 2.67 25.21
CA ILE L 56 3.61 3.14 24.84
C ILE L 56 2.80 3.55 26.06
N VAL L 57 2.77 2.70 27.09
CA VAL L 57 1.95 2.98 28.28
C VAL L 57 2.51 4.17 29.06
N ASN L 58 3.83 4.22 29.23
CA ASN L 58 4.45 5.39 29.84
C ASN L 58 4.05 6.63 29.06
N GLY L 59 4.27 6.58 27.75
CA GLY L 59 3.92 7.68 26.85
C GLY L 59 2.47 8.11 26.88
N LEU L 60 1.56 7.18 27.17
CA LEU L 60 0.12 7.50 27.29
C LEU L 60 -0.21 8.23 28.59
N GLN L 61 0.61 8.00 29.63
CA GLN L 61 0.49 8.70 30.92
C GLN L 61 1.21 10.06 30.92
N ASN L 62 2.42 10.11 30.34
CA ASN L 62 3.17 11.36 30.18
C ASN L 62 2.42 12.37 29.31
N THR L 63 1.65 11.87 28.35
CA THR L 63 0.88 12.70 27.42
C THR L 63 -0.61 12.49 27.61
#